data_1B8W
#
_entry.id   1B8W
#
_cell.length_a   1.000
_cell.length_b   1.000
_cell.length_c   1.000
_cell.angle_alpha   90.00
_cell.angle_beta   90.00
_cell.angle_gamma   90.00
#
_symmetry.space_group_name_H-M   'P 1'
#
_entity_poly.entity_id   1
_entity_poly.type   'polypeptide(L)'
_entity_poly.pdbx_seq_one_letter_code
;FVQHRPRDCESINGVCRHKDTVNCREIFLADCYNDGQKCCRK
;
_entity_poly.pdbx_strand_id   A
#
# COMPACT_ATOMS: atom_id res chain seq x y z
N PHE A 1 -1.38 18.41 -13.10
CA PHE A 1 -1.33 17.06 -13.72
C PHE A 1 -0.82 16.02 -12.73
N VAL A 2 -0.69 14.78 -13.21
CA VAL A 2 -0.20 13.69 -12.37
C VAL A 2 0.71 12.75 -13.15
N GLN A 3 1.20 11.71 -12.50
CA GLN A 3 2.08 10.74 -13.13
C GLN A 3 1.33 9.45 -13.45
N HIS A 4 2.07 8.45 -13.94
CA HIS A 4 1.48 7.17 -14.29
C HIS A 4 1.58 6.18 -13.13
N ARG A 5 0.81 6.44 -12.07
CA ARG A 5 0.83 5.58 -10.90
C ARG A 5 -0.48 4.80 -10.79
N PRO A 6 -0.40 3.46 -10.79
CA PRO A 6 -1.58 2.60 -10.70
C PRO A 6 -2.47 2.96 -9.52
N ARG A 7 -2.60 2.05 -8.57
CA ARG A 7 -3.43 2.28 -7.40
C ARG A 7 -2.59 2.28 -6.12
N ASP A 8 -2.97 3.12 -5.17
CA ASP A 8 -2.27 3.22 -3.91
C ASP A 8 -2.92 2.32 -2.86
N CYS A 9 -2.92 2.78 -1.62
CA CYS A 9 -3.52 2.02 -0.52
C CYS A 9 -4.73 2.76 0.03
N GLU A 10 -4.59 4.06 0.21
CA GLU A 10 -5.67 4.88 0.74
C GLU A 10 -6.82 4.99 -0.26
N SER A 11 -6.50 4.89 -1.55
CA SER A 11 -7.50 4.97 -2.59
C SER A 11 -8.34 3.70 -2.65
N ILE A 12 -8.02 2.77 -1.77
CA ILE A 12 -8.73 1.50 -1.72
C ILE A 12 -9.32 1.26 -0.33
N ASN A 13 -9.12 2.24 0.55
CA ASN A 13 -9.63 2.14 1.92
C ASN A 13 -8.70 1.29 2.78
N GLY A 14 -7.40 1.43 2.54
CA GLY A 14 -6.42 0.67 3.29
C GLY A 14 -5.47 1.56 4.08
N VAL A 15 -4.43 0.95 4.64
CA VAL A 15 -3.46 1.70 5.42
C VAL A 15 -2.06 1.54 4.84
N CYS A 16 -1.16 2.45 5.22
CA CYS A 16 0.21 2.41 4.73
C CYS A 16 1.20 2.16 5.87
N ARG A 17 1.64 0.91 5.97
CA ARG A 17 2.60 0.52 7.01
C ARG A 17 3.95 0.18 6.42
N HIS A 18 4.76 -0.55 7.18
CA HIS A 18 6.08 -0.96 6.73
C HIS A 18 6.03 -2.29 6.00
N LYS A 19 6.76 -2.40 4.91
CA LYS A 19 6.79 -3.63 4.14
C LYS A 19 7.37 -4.77 4.96
N ASP A 20 7.79 -4.45 6.18
CA ASP A 20 8.36 -5.45 7.07
C ASP A 20 7.64 -5.45 8.42
N THR A 21 6.42 -4.95 8.42
CA THR A 21 5.62 -4.89 9.64
C THR A 21 5.72 -6.19 10.42
N VAL A 22 4.67 -7.00 10.36
CA VAL A 22 4.65 -8.28 11.06
C VAL A 22 3.39 -9.06 10.76
N ASN A 23 2.25 -8.53 11.18
CA ASN A 23 0.98 -9.19 10.97
C ASN A 23 -0.05 -8.21 10.41
N CYS A 24 0.44 -7.15 9.76
CA CYS A 24 -0.43 -6.15 9.16
C CYS A 24 -0.76 -6.50 7.71
N ARG A 25 -1.41 -7.63 7.51
CA ARG A 25 -1.78 -8.09 6.18
C ARG A 25 -1.55 -6.99 5.15
N GLU A 26 -0.84 -7.33 4.08
CA GLU A 26 -0.56 -6.38 3.01
C GLU A 26 -1.51 -6.56 1.84
N ILE A 27 -1.80 -5.47 1.14
CA ILE A 27 -2.71 -5.51 0.00
C ILE A 27 -1.94 -5.55 -1.32
N PHE A 28 -1.73 -6.75 -1.84
CA PHE A 28 -1.01 -6.93 -3.10
C PHE A 28 -1.73 -6.25 -4.24
N LEU A 29 -2.56 -5.27 -3.90
CA LEU A 29 -3.33 -4.55 -4.90
C LEU A 29 -3.21 -3.04 -4.71
N ALA A 30 -3.14 -2.62 -3.46
CA ALA A 30 -3.02 -1.20 -3.14
C ALA A 30 -1.57 -0.82 -2.85
N ASP A 31 -1.14 0.32 -3.37
CA ASP A 31 0.22 0.79 -3.17
C ASP A 31 0.27 1.87 -2.10
N CYS A 32 1.49 2.26 -1.72
CA CYS A 32 1.68 3.28 -0.71
C CYS A 32 1.98 4.62 -1.36
N TYR A 33 2.79 5.42 -0.69
CA TYR A 33 3.14 6.73 -1.19
C TYR A 33 4.54 7.11 -0.71
N ASN A 34 5.06 6.30 0.20
CA ASN A 34 6.38 6.52 0.77
C ASN A 34 7.46 5.82 -0.05
N ASP A 35 7.04 4.82 -0.81
CA ASP A 35 7.97 4.05 -1.64
C ASP A 35 8.55 2.88 -0.85
N GLY A 36 8.58 3.03 0.47
CA GLY A 36 9.10 1.97 1.32
C GLY A 36 8.02 1.30 2.14
N GLN A 37 6.80 1.83 2.06
CA GLN A 37 5.67 1.27 2.80
C GLN A 37 4.74 0.52 1.87
N LYS A 38 3.89 -0.33 2.45
CA LYS A 38 2.94 -1.11 1.68
C LYS A 38 1.53 -0.93 2.23
N CYS A 39 0.56 -1.59 1.59
CA CYS A 39 -0.82 -1.50 2.02
C CYS A 39 -1.15 -2.57 3.06
N CYS A 40 -2.07 -2.25 3.96
CA CYS A 40 -2.48 -3.18 5.00
C CYS A 40 -3.97 -3.11 5.23
N ARG A 41 -4.56 -4.24 5.64
CA ARG A 41 -5.99 -4.29 5.88
C ARG A 41 -6.37 -3.52 7.14
N LYS A 42 -6.04 -2.23 7.15
CA LYS A 42 -6.33 -1.37 8.30
C LYS A 42 -6.27 -2.16 9.60
N PHE A 1 -3.56 8.24 -19.61
CA PHE A 1 -2.49 7.22 -19.80
C PHE A 1 -2.65 6.08 -18.80
N VAL A 2 -1.52 5.56 -18.33
CA VAL A 2 -1.53 4.46 -17.37
C VAL A 2 -0.70 4.80 -16.13
N GLN A 3 -0.72 6.07 -15.74
CA GLN A 3 0.02 6.52 -14.58
C GLN A 3 1.37 5.81 -14.48
N HIS A 4 2.01 5.91 -13.33
CA HIS A 4 3.30 5.27 -13.11
C HIS A 4 3.18 4.09 -12.16
N ARG A 5 2.18 4.13 -11.28
CA ARG A 5 1.97 3.06 -10.31
C ARG A 5 0.58 2.44 -10.49
N PRO A 6 0.38 1.24 -9.93
CA PRO A 6 -0.90 0.53 -10.03
C PRO A 6 -2.00 1.23 -9.24
N ARG A 7 -2.49 0.57 -8.20
CA ARG A 7 -3.55 1.13 -7.36
C ARG A 7 -3.01 1.48 -5.98
N ASP A 8 -3.35 2.67 -5.51
CA ASP A 8 -2.90 3.14 -4.21
C ASP A 8 -3.60 2.38 -3.09
N CYS A 9 -3.18 2.65 -1.85
CA CYS A 9 -3.77 1.99 -0.70
C CYS A 9 -4.89 2.83 -0.09
N GLU A 10 -4.60 4.11 0.12
CA GLU A 10 -5.59 5.01 0.69
C GLU A 10 -6.83 5.08 -0.18
N SER A 11 -6.64 4.94 -1.49
CA SER A 11 -7.73 4.98 -2.45
C SER A 11 -8.60 3.73 -2.33
N ILE A 12 -8.03 2.67 -1.76
CA ILE A 12 -8.75 1.42 -1.57
C ILE A 12 -9.26 1.31 -0.14
N ASN A 13 -8.94 2.31 0.67
CA ASN A 13 -9.36 2.32 2.07
C ASN A 13 -8.46 1.45 2.92
N GLY A 14 -7.15 1.54 2.68
CA GLY A 14 -6.20 0.75 3.44
C GLY A 14 -5.23 1.62 4.24
N VAL A 15 -4.19 0.99 4.77
CA VAL A 15 -3.20 1.71 5.56
C VAL A 15 -1.81 1.55 4.96
N CYS A 16 -0.95 2.54 5.22
CA CYS A 16 0.42 2.50 4.70
C CYS A 16 1.43 2.28 5.82
N ARG A 17 1.85 1.03 6.00
CA ARG A 17 2.82 0.69 7.03
C ARG A 17 4.15 0.29 6.41
N HIS A 18 4.94 -0.49 7.15
CA HIS A 18 6.23 -0.95 6.66
C HIS A 18 6.10 -2.27 5.91
N LYS A 19 6.84 -2.39 4.82
CA LYS A 19 6.81 -3.61 4.01
C LYS A 19 7.35 -4.80 4.79
N ASP A 20 7.75 -4.54 6.04
CA ASP A 20 8.29 -5.60 6.89
C ASP A 20 7.58 -5.60 8.25
N THR A 21 6.37 -5.07 8.28
CA THR A 21 5.60 -5.01 9.50
C THR A 21 5.69 -6.33 10.26
N VAL A 22 4.60 -7.09 10.25
CA VAL A 22 4.57 -8.37 10.93
C VAL A 22 3.26 -9.11 10.71
N ASN A 23 2.18 -8.53 11.21
CA ASN A 23 0.86 -9.13 11.08
C ASN A 23 -0.14 -8.13 10.52
N CYS A 24 0.36 -7.17 9.75
CA CYS A 24 -0.49 -6.16 9.14
C CYS A 24 -0.77 -6.48 7.67
N ARG A 25 -1.50 -7.57 7.44
CA ARG A 25 -1.84 -7.98 6.09
C ARG A 25 -1.60 -6.85 5.09
N GLU A 26 -1.00 -7.19 3.95
CA GLU A 26 -0.72 -6.20 2.92
C GLU A 26 -1.69 -6.34 1.75
N ILE A 27 -2.00 -5.22 1.11
CA ILE A 27 -2.92 -5.22 -0.02
C ILE A 27 -2.16 -5.09 -1.35
N PHE A 28 -1.69 -6.22 -1.87
CA PHE A 28 -0.95 -6.23 -3.12
C PHE A 28 -1.58 -5.27 -4.13
N LEU A 29 -2.72 -5.67 -4.66
CA LEU A 29 -3.45 -4.86 -5.63
C LEU A 29 -3.07 -3.38 -5.53
N ALA A 30 -3.09 -2.87 -4.30
CA ALA A 30 -2.77 -1.46 -4.07
C ALA A 30 -1.33 -1.30 -3.59
N ASP A 31 -0.86 -0.05 -3.62
CA ASP A 31 0.50 0.27 -3.19
C ASP A 31 0.47 1.37 -2.14
N CYS A 32 1.66 1.85 -1.77
CA CYS A 32 1.76 2.91 -0.79
C CYS A 32 1.95 4.25 -1.47
N TYR A 33 2.58 5.18 -0.77
CA TYR A 33 2.81 6.50 -1.31
C TYR A 33 4.15 7.04 -0.83
N ASN A 34 4.78 6.27 0.06
CA ASN A 34 6.05 6.63 0.62
C ASN A 34 7.20 6.12 -0.24
N ASP A 35 7.89 5.09 0.26
CA ASP A 35 9.00 4.48 -0.45
C ASP A 35 9.27 3.09 0.08
N GLY A 36 9.06 2.92 1.38
CA GLY A 36 9.27 1.62 2.00
C GLY A 36 8.03 1.14 2.73
N GLN A 37 6.89 1.77 2.43
CA GLN A 37 5.63 1.41 3.06
C GLN A 37 4.70 0.73 2.07
N LYS A 38 3.92 -0.22 2.57
CA LYS A 38 2.98 -0.96 1.73
C LYS A 38 1.56 -0.82 2.27
N CYS A 39 0.60 -1.48 1.62
CA CYS A 39 -0.78 -1.42 2.04
C CYS A 39 -1.10 -2.52 3.05
N CYS A 40 -2.01 -2.23 3.96
CA CYS A 40 -2.42 -3.19 4.99
C CYS A 40 -3.91 -3.10 5.24
N ARG A 41 -4.50 -4.22 5.67
CA ARG A 41 -5.94 -4.25 5.94
C ARG A 41 -6.27 -3.47 7.21
N LYS A 42 -5.85 -2.22 7.25
CA LYS A 42 -6.10 -1.37 8.41
C LYS A 42 -6.00 -2.16 9.70
N PHE A 1 -0.72 6.41 -23.84
CA PHE A 1 -0.67 6.47 -22.35
C PHE A 1 -0.26 5.12 -21.77
N VAL A 2 0.46 5.16 -20.66
CA VAL A 2 0.92 3.95 -20.00
C VAL A 2 0.75 4.04 -18.48
N GLN A 3 0.43 2.91 -17.86
CA GLN A 3 0.23 2.86 -16.42
C GLN A 3 1.56 2.67 -15.69
N HIS A 4 1.80 3.50 -14.68
CA HIS A 4 3.03 3.42 -13.91
C HIS A 4 2.81 2.66 -12.60
N ARG A 5 1.66 2.90 -11.97
CA ARG A 5 1.32 2.24 -10.72
C ARG A 5 -0.12 1.75 -10.73
N PRO A 6 -0.39 0.62 -10.06
CA PRO A 6 -1.73 0.03 -9.99
C PRO A 6 -2.72 0.96 -9.31
N ARG A 7 -2.81 0.87 -7.99
CA ARG A 7 -3.72 1.71 -7.23
C ARG A 7 -3.16 2.00 -5.84
N ASP A 8 -3.33 3.24 -5.39
CA ASP A 8 -2.84 3.64 -4.08
C ASP A 8 -3.57 2.90 -2.96
N CYS A 9 -2.91 2.77 -1.82
CA CYS A 9 -3.49 2.08 -0.68
C CYS A 9 -4.66 2.87 -0.09
N GLU A 10 -4.43 4.16 0.11
CA GLU A 10 -5.47 5.03 0.67
C GLU A 10 -6.67 5.14 -0.27
N SER A 11 -6.41 5.06 -1.57
CA SER A 11 -7.47 5.14 -2.56
C SER A 11 -8.29 3.88 -2.60
N ILE A 12 -7.77 2.84 -1.96
CA ILE A 12 -8.45 1.55 -1.91
C ILE A 12 -9.11 1.33 -0.55
N ASN A 13 -8.99 2.33 0.32
CA ASN A 13 -9.57 2.25 1.65
C ASN A 13 -8.69 1.42 2.57
N GLY A 14 -7.38 1.50 2.35
CA GLY A 14 -6.44 0.75 3.17
C GLY A 14 -5.48 1.65 3.92
N VAL A 15 -4.54 1.04 4.63
CA VAL A 15 -3.56 1.80 5.40
C VAL A 15 -2.16 1.63 4.81
N CYS A 16 -1.25 2.50 5.21
CA CYS A 16 0.12 2.46 4.72
C CYS A 16 1.11 2.20 5.87
N ARG A 17 1.50 0.94 6.01
CA ARG A 17 2.44 0.55 7.07
C ARG A 17 3.80 0.22 6.49
N HIS A 18 4.59 -0.56 7.24
CA HIS A 18 5.91 -0.95 6.81
C HIS A 18 5.87 -2.26 6.03
N LYS A 19 6.67 -2.33 4.97
CA LYS A 19 6.72 -3.53 4.13
C LYS A 19 7.47 -4.64 4.84
N ASP A 20 7.81 -4.41 6.10
CA ASP A 20 8.53 -5.40 6.90
C ASP A 20 7.89 -5.56 8.28
N THR A 21 6.63 -5.17 8.38
CA THR A 21 5.92 -5.27 9.65
C THR A 21 6.03 -6.67 10.22
N VAL A 22 4.92 -7.39 10.24
CA VAL A 22 4.90 -8.74 10.76
C VAL A 22 3.54 -9.40 10.58
N ASN A 23 2.53 -8.84 11.22
CA ASN A 23 1.18 -9.37 11.14
C ASN A 23 0.20 -8.30 10.67
N CYS A 24 0.66 -7.43 9.77
CA CYS A 24 -0.17 -6.35 9.25
C CYS A 24 -0.55 -6.62 7.80
N ARG A 25 -1.52 -7.52 7.62
CA ARG A 25 -1.98 -7.88 6.27
C ARG A 25 -1.68 -6.78 5.27
N GLU A 26 -0.96 -7.14 4.21
CA GLU A 26 -0.61 -6.17 3.17
C GLU A 26 -1.53 -6.31 1.96
N ILE A 27 -1.83 -5.18 1.33
CA ILE A 27 -2.71 -5.18 0.17
C ILE A 27 -1.91 -5.06 -1.12
N PHE A 28 -1.38 -6.19 -1.59
CA PHE A 28 -0.61 -6.22 -2.83
C PHE A 28 -1.24 -5.32 -3.89
N LEU A 29 -2.40 -5.73 -4.36
CA LEU A 29 -3.14 -5.00 -5.38
C LEU A 29 -2.86 -3.50 -5.30
N ALA A 30 -2.96 -2.95 -4.10
CA ALA A 30 -2.74 -1.52 -3.88
C ALA A 30 -1.33 -1.25 -3.35
N ASP A 31 -0.79 -0.09 -3.71
CA ASP A 31 0.54 0.31 -3.28
C ASP A 31 0.45 1.42 -2.24
N CYS A 32 1.62 1.86 -1.76
CA CYS A 32 1.66 2.92 -0.77
C CYS A 32 1.96 4.25 -1.45
N TYR A 33 2.67 5.12 -0.73
CA TYR A 33 3.01 6.41 -1.26
C TYR A 33 4.37 6.85 -0.76
N ASN A 34 4.89 6.11 0.20
CA ASN A 34 6.18 6.39 0.80
C ASN A 34 7.30 5.69 0.04
N ASP A 35 6.92 4.68 -0.73
CA ASP A 35 7.89 3.91 -1.51
C ASP A 35 8.45 2.77 -0.68
N GLY A 36 8.47 2.97 0.63
CA GLY A 36 8.98 1.95 1.52
C GLY A 36 7.88 1.33 2.36
N GLN A 37 6.67 1.87 2.24
CA GLN A 37 5.52 1.37 2.97
C GLN A 37 4.56 0.65 2.04
N LYS A 38 3.82 -0.31 2.59
CA LYS A 38 2.87 -1.08 1.81
C LYS A 38 1.45 -0.87 2.34
N CYS A 39 0.48 -1.56 1.74
CA CYS A 39 -0.90 -1.46 2.16
C CYS A 39 -1.22 -2.47 3.25
N CYS A 40 -2.19 -2.13 4.09
CA CYS A 40 -2.58 -3.00 5.19
C CYS A 40 -4.09 -2.98 5.36
N ARG A 41 -4.65 -4.10 5.81
CA ARG A 41 -6.09 -4.20 6.02
C ARG A 41 -6.52 -3.39 7.25
N LYS A 42 -6.16 -2.12 7.25
CA LYS A 42 -6.49 -1.24 8.37
C LYS A 42 -6.58 -2.01 9.67
N PHE A 1 8.11 9.96 -18.55
CA PHE A 1 7.01 9.04 -18.12
C PHE A 1 7.56 7.72 -17.63
N VAL A 2 8.10 7.71 -16.41
CA VAL A 2 8.66 6.50 -15.83
C VAL A 2 8.02 6.19 -14.48
N GLN A 3 6.69 6.16 -14.44
CA GLN A 3 5.96 5.88 -13.22
C GLN A 3 5.05 4.67 -13.39
N HIS A 4 5.18 3.70 -12.50
CA HIS A 4 4.37 2.49 -12.56
C HIS A 4 3.98 2.03 -11.16
N ARG A 5 2.99 2.69 -10.56
CA ARG A 5 2.54 2.34 -9.22
C ARG A 5 1.11 1.83 -9.25
N PRO A 6 0.89 0.57 -8.85
CA PRO A 6 -0.44 -0.04 -8.83
C PRO A 6 -1.44 0.80 -8.04
N ARG A 7 -2.71 0.40 -8.09
CA ARG A 7 -3.76 1.12 -7.39
C ARG A 7 -3.27 1.57 -6.01
N ASP A 8 -3.51 2.83 -5.71
CA ASP A 8 -3.10 3.40 -4.43
C ASP A 8 -3.73 2.65 -3.27
N CYS A 9 -3.09 2.75 -2.09
CA CYS A 9 -3.59 2.06 -0.91
C CYS A 9 -4.71 2.86 -0.25
N GLU A 10 -4.45 4.13 0.03
CA GLU A 10 -5.45 4.99 0.65
C GLU A 10 -6.65 5.18 -0.26
N SER A 11 -6.42 5.06 -1.57
CA SER A 11 -7.48 5.21 -2.55
C SER A 11 -8.46 4.05 -2.47
N ILE A 12 -7.99 2.93 -1.93
CA ILE A 12 -8.81 1.74 -1.79
C ILE A 12 -9.35 1.62 -0.37
N ASN A 13 -8.98 2.58 0.46
CA ASN A 13 -9.41 2.59 1.85
C ASN A 13 -8.53 1.68 2.69
N GLY A 14 -7.23 1.73 2.45
CA GLY A 14 -6.29 0.90 3.19
C GLY A 14 -5.30 1.73 3.99
N VAL A 15 -4.33 1.07 4.60
CA VAL A 15 -3.33 1.75 5.40
C VAL A 15 -1.93 1.57 4.81
N CYS A 16 -1.00 2.40 5.24
CA CYS A 16 0.37 2.32 4.76
C CYS A 16 1.35 2.06 5.90
N ARG A 17 1.80 0.81 6.00
CA ARG A 17 2.74 0.43 7.04
C ARG A 17 4.09 0.06 6.45
N HIS A 18 4.87 -0.74 7.19
CA HIS A 18 6.18 -1.17 6.74
C HIS A 18 6.09 -2.46 5.95
N LYS A 19 6.78 -2.52 4.82
CA LYS A 19 6.78 -3.72 3.99
C LYS A 19 7.34 -4.90 4.76
N ASP A 20 7.78 -4.65 5.99
CA ASP A 20 8.33 -5.69 6.84
C ASP A 20 7.65 -5.68 8.20
N THR A 21 6.42 -5.18 8.24
CA THR A 21 5.66 -5.11 9.48
C THR A 21 5.77 -6.41 10.26
N VAL A 22 4.68 -7.16 10.28
CA VAL A 22 4.67 -8.43 11.00
C VAL A 22 3.35 -9.18 10.79
N ASN A 23 2.27 -8.58 11.27
CA ASN A 23 0.95 -9.18 11.15
C ASN A 23 -0.05 -8.18 10.58
N CYS A 24 0.44 -7.23 9.80
CA CYS A 24 -0.41 -6.23 9.19
C CYS A 24 -0.71 -6.57 7.73
N ARG A 25 -1.48 -7.64 7.52
CA ARG A 25 -1.84 -8.08 6.19
C ARG A 25 -1.63 -6.95 5.17
N GLU A 26 -0.92 -7.26 4.09
CA GLU A 26 -0.67 -6.28 3.05
C GLU A 26 -1.60 -6.48 1.87
N ILE A 27 -1.86 -5.40 1.12
CA ILE A 27 -2.75 -5.47 -0.02
C ILE A 27 -1.94 -5.56 -1.32
N PHE A 28 -1.61 -6.79 -1.70
CA PHE A 28 -0.83 -7.04 -2.92
C PHE A 28 -1.47 -6.40 -4.14
N LEU A 29 -2.43 -5.52 -3.91
CA LEU A 29 -3.13 -4.85 -5.00
C LEU A 29 -2.91 -3.34 -4.97
N ALA A 30 -3.00 -2.77 -3.78
CA ALA A 30 -2.81 -1.34 -3.61
C ALA A 30 -1.40 -1.01 -3.11
N ASP A 31 -0.86 0.11 -3.56
CA ASP A 31 0.48 0.54 -3.17
C ASP A 31 0.40 1.59 -2.07
N CYS A 32 1.57 2.07 -1.64
CA CYS A 32 1.63 3.08 -0.60
C CYS A 32 1.83 4.45 -1.23
N TYR A 33 2.69 5.25 -0.62
CA TYR A 33 2.95 6.58 -1.11
C TYR A 33 4.27 7.10 -0.56
N ASN A 34 4.83 6.34 0.37
CA ASN A 34 6.08 6.70 1.01
C ASN A 34 7.26 6.12 0.24
N ASP A 35 6.99 5.09 -0.56
CA ASP A 35 8.02 4.44 -1.35
C ASP A 35 8.65 3.29 -0.56
N GLY A 36 8.58 3.38 0.75
CA GLY A 36 9.15 2.35 1.60
C GLY A 36 8.09 1.62 2.42
N GLN A 37 6.84 2.02 2.25
CA GLN A 37 5.74 1.40 2.98
C GLN A 37 4.78 0.70 2.02
N LYS A 38 4.02 -0.25 2.55
CA LYS A 38 3.06 -1.00 1.75
C LYS A 38 1.65 -0.83 2.30
N CYS A 39 0.67 -1.48 1.65
CA CYS A 39 -0.71 -1.39 2.08
C CYS A 39 -1.05 -2.49 3.08
N CYS A 40 -1.97 -2.18 4.00
CA CYS A 40 -2.40 -3.14 5.01
C CYS A 40 -3.90 -3.09 5.18
N ARG A 41 -4.49 -4.20 5.60
CA ARG A 41 -5.93 -4.27 5.80
C ARG A 41 -6.35 -3.47 7.03
N LYS A 42 -5.92 -2.22 7.09
CA LYS A 42 -6.24 -1.35 8.21
C LYS A 42 -6.19 -2.12 9.53
N PHE A 1 -7.29 9.49 -15.68
CA PHE A 1 -6.03 8.74 -15.47
C PHE A 1 -5.85 7.64 -16.51
N VAL A 2 -4.73 6.91 -16.42
CA VAL A 2 -4.45 5.83 -17.35
C VAL A 2 -3.72 4.69 -16.66
N GLN A 3 -3.84 3.50 -17.22
CA GLN A 3 -3.18 2.31 -16.66
C GLN A 3 -1.68 2.55 -16.51
N HIS A 4 -1.30 3.25 -15.45
CA HIS A 4 0.11 3.55 -15.19
C HIS A 4 0.52 3.06 -13.81
N ARG A 5 -0.19 3.52 -12.79
CA ARG A 5 0.11 3.12 -11.41
C ARG A 5 -0.85 2.04 -10.93
N PRO A 6 -0.37 1.13 -10.08
CA PRO A 6 -1.17 0.04 -9.54
C PRO A 6 -2.00 0.45 -8.34
N ARG A 7 -2.62 1.62 -8.42
CA ARG A 7 -3.44 2.13 -7.33
C ARG A 7 -2.69 2.09 -6.01
N ASP A 8 -3.08 2.95 -5.07
CA ASP A 8 -2.44 3.00 -3.77
C ASP A 8 -3.25 2.22 -2.74
N CYS A 9 -3.00 2.52 -1.47
CA CYS A 9 -3.70 1.86 -0.38
C CYS A 9 -4.84 2.72 0.14
N GLU A 10 -4.58 4.01 0.28
CA GLU A 10 -5.59 4.93 0.78
C GLU A 10 -6.78 5.01 -0.18
N SER A 11 -6.51 4.83 -1.46
CA SER A 11 -7.55 4.88 -2.48
C SER A 11 -8.47 3.67 -2.37
N ILE A 12 -7.98 2.62 -1.73
CA ILE A 12 -8.74 1.40 -1.56
C ILE A 12 -9.37 1.33 -0.18
N ASN A 13 -9.09 2.35 0.63
CA ASN A 13 -9.63 2.41 2.00
C ASN A 13 -8.80 1.54 2.93
N GLY A 14 -7.49 1.52 2.70
CA GLY A 14 -6.59 0.73 3.52
C GLY A 14 -5.60 1.59 4.28
N VAL A 15 -4.50 0.98 4.70
CA VAL A 15 -3.47 1.70 5.44
C VAL A 15 -2.10 1.50 4.81
N CYS A 16 -1.15 2.35 5.20
CA CYS A 16 0.20 2.27 4.66
C CYS A 16 1.23 2.13 5.77
N ARG A 17 1.75 0.91 5.94
CA ARG A 17 2.76 0.65 6.96
C ARG A 17 4.09 0.30 6.34
N HIS A 18 4.90 -0.49 7.05
CA HIS A 18 6.20 -0.89 6.56
C HIS A 18 6.11 -2.19 5.78
N LYS A 19 6.93 -2.34 4.76
CA LYS A 19 6.94 -3.54 3.94
C LYS A 19 7.46 -4.73 4.73
N ASP A 20 7.90 -4.46 5.96
CA ASP A 20 8.42 -5.50 6.84
C ASP A 20 7.69 -5.50 8.18
N THR A 21 6.46 -5.01 8.18
CA THR A 21 5.66 -4.95 9.39
C THR A 21 5.79 -6.25 10.18
N VAL A 22 4.72 -7.04 10.19
CA VAL A 22 4.72 -8.30 10.91
C VAL A 22 3.41 -9.04 10.74
N ASN A 23 2.33 -8.45 11.25
CA ASN A 23 1.02 -9.06 11.17
C ASN A 23 -0.01 -8.07 10.64
N CYS A 24 0.44 -7.18 9.75
CA CYS A 24 -0.44 -6.16 9.17
C CYS A 24 -0.77 -6.50 7.72
N ARG A 25 -1.47 -7.61 7.51
CA ARG A 25 -1.85 -8.04 6.17
C ARG A 25 -1.63 -6.91 5.17
N GLU A 26 -0.97 -7.23 4.06
CA GLU A 26 -0.70 -6.24 3.02
C GLU A 26 -1.69 -6.36 1.87
N ILE A 27 -1.87 -5.26 1.13
CA ILE A 27 -2.79 -5.23 0.01
C ILE A 27 -2.03 -5.11 -1.31
N PHE A 28 -1.57 -6.23 -1.83
CA PHE A 28 -0.83 -6.24 -3.09
C PHE A 28 -1.46 -5.31 -4.11
N LEU A 29 -2.60 -5.73 -4.64
CA LEU A 29 -3.34 -4.95 -5.63
C LEU A 29 -3.06 -3.46 -5.50
N ALA A 30 -3.07 -2.97 -4.27
CA ALA A 30 -2.84 -1.56 -4.01
C ALA A 30 -1.38 -1.30 -3.59
N ASP A 31 -0.97 -0.03 -3.69
CA ASP A 31 0.38 0.35 -3.32
C ASP A 31 0.37 1.47 -2.30
N CYS A 32 1.57 1.90 -1.88
CA CYS A 32 1.69 2.96 -0.91
C CYS A 32 1.98 4.28 -1.61
N TYR A 33 2.57 5.21 -0.88
CA TYR A 33 2.89 6.51 -1.43
C TYR A 33 4.27 6.96 -0.96
N ASN A 34 4.84 6.19 -0.06
CA ASN A 34 6.14 6.49 0.50
C ASN A 34 7.25 5.86 -0.35
N ASP A 35 8.02 4.97 0.25
CA ASP A 35 9.10 4.30 -0.44
C ASP A 35 9.32 2.90 0.14
N GLY A 36 9.05 2.75 1.43
CA GLY A 36 9.22 1.48 2.08
C GLY A 36 7.95 1.03 2.79
N GLN A 37 6.84 1.69 2.48
CA GLN A 37 5.56 1.37 3.08
C GLN A 37 4.63 0.69 2.09
N LYS A 38 3.86 -0.28 2.57
CA LYS A 38 2.92 -1.00 1.73
C LYS A 38 1.49 -0.85 2.25
N CYS A 39 0.56 -1.58 1.64
CA CYS A 39 -0.83 -1.51 2.06
C CYS A 39 -1.15 -2.57 3.11
N CYS A 40 -2.10 -2.25 3.99
CA CYS A 40 -2.51 -3.17 5.04
C CYS A 40 -4.01 -3.12 5.24
N ARG A 41 -4.58 -4.22 5.71
CA ARG A 41 -6.02 -4.29 5.95
C ARG A 41 -6.41 -3.47 7.18
N LYS A 42 -5.99 -2.21 7.19
CA LYS A 42 -6.28 -1.32 8.31
C LYS A 42 -6.18 -2.06 9.63
N PHE A 1 -2.39 13.85 -20.78
CA PHE A 1 -1.62 13.43 -19.57
C PHE A 1 -1.96 11.99 -19.18
N VAL A 2 -0.96 11.12 -19.28
CA VAL A 2 -1.14 9.71 -18.93
C VAL A 2 -0.69 9.44 -17.50
N GLN A 3 -1.26 10.19 -16.55
CA GLN A 3 -0.92 10.02 -15.14
C GLN A 3 -1.59 8.78 -14.57
N HIS A 4 -1.24 7.62 -15.10
CA HIS A 4 -1.80 6.35 -14.65
C HIS A 4 -0.82 5.62 -13.74
N ARG A 5 -0.89 5.91 -12.45
CA ARG A 5 -0.02 5.26 -11.48
C ARG A 5 -0.68 4.04 -10.86
N PRO A 6 0.12 3.13 -10.29
CA PRO A 6 -0.39 1.90 -9.66
C PRO A 6 -1.22 2.19 -8.40
N ARG A 7 -2.53 2.02 -8.51
CA ARG A 7 -3.42 2.26 -7.39
C ARG A 7 -2.66 2.20 -6.07
N ASP A 8 -2.99 3.10 -5.16
CA ASP A 8 -2.36 3.15 -3.86
C ASP A 8 -3.14 2.34 -2.84
N CYS A 9 -2.91 2.64 -1.56
CA CYS A 9 -3.60 1.94 -0.48
C CYS A 9 -4.81 2.74 -0.02
N GLU A 10 -4.61 4.04 0.15
CA GLU A 10 -5.70 4.91 0.60
C GLU A 10 -6.81 4.96 -0.43
N SER A 11 -6.45 4.81 -1.70
CA SER A 11 -7.42 4.84 -2.78
C SER A 11 -8.33 3.60 -2.74
N ILE A 12 -7.89 2.58 -2.01
CA ILE A 12 -8.65 1.35 -1.90
C ILE A 12 -9.31 1.24 -0.53
N ASN A 13 -9.11 2.25 0.30
CA ASN A 13 -9.66 2.27 1.64
C ASN A 13 -8.81 1.44 2.60
N GLY A 14 -7.49 1.57 2.47
CA GLY A 14 -6.58 0.83 3.32
C GLY A 14 -5.63 1.74 4.08
N VAL A 15 -4.56 1.17 4.62
CA VAL A 15 -3.58 1.93 5.38
C VAL A 15 -2.18 1.73 4.82
N CYS A 16 -1.26 2.58 5.23
CA CYS A 16 0.12 2.50 4.77
C CYS A 16 1.08 2.16 5.91
N ARG A 17 1.45 0.89 5.99
CA ARG A 17 2.37 0.44 7.04
C ARG A 17 3.73 0.10 6.45
N HIS A 18 4.54 -0.64 7.22
CA HIS A 18 5.86 -1.03 6.77
C HIS A 18 5.83 -2.36 6.03
N LYS A 19 6.63 -2.47 4.99
CA LYS A 19 6.69 -3.70 4.19
C LYS A 19 7.46 -4.79 4.94
N ASP A 20 7.86 -4.47 6.17
CA ASP A 20 8.60 -5.41 7.00
C ASP A 20 7.98 -5.51 8.39
N THR A 21 6.71 -5.19 8.49
CA THR A 21 6.00 -5.24 9.77
C THR A 21 6.11 -6.63 10.38
N VAL A 22 5.01 -7.37 10.35
CA VAL A 22 4.99 -8.71 10.92
C VAL A 22 3.67 -9.42 10.61
N ASN A 23 2.59 -8.88 11.16
CA ASN A 23 1.27 -9.46 10.97
C ASN A 23 0.28 -8.41 10.46
N CYS A 24 0.81 -7.41 9.76
CA CYS A 24 -0.02 -6.33 9.23
C CYS A 24 -0.46 -6.64 7.80
N ARG A 25 -1.55 -7.40 7.67
CA ARG A 25 -2.08 -7.77 6.37
C ARG A 25 -1.77 -6.67 5.34
N GLU A 26 -1.06 -7.04 4.28
CA GLU A 26 -0.72 -6.08 3.23
C GLU A 26 -1.65 -6.20 2.04
N ILE A 27 -1.89 -5.08 1.37
CA ILE A 27 -2.78 -5.06 0.21
C ILE A 27 -1.99 -4.93 -1.08
N PHE A 28 -1.46 -6.06 -1.56
CA PHE A 28 -0.69 -6.08 -2.80
C PHE A 28 -1.35 -5.20 -3.86
N LEU A 29 -2.47 -5.68 -4.37
CA LEU A 29 -3.24 -4.98 -5.39
C LEU A 29 -2.99 -3.47 -5.34
N ALA A 30 -3.02 -2.92 -4.13
CA ALA A 30 -2.82 -1.49 -3.93
C ALA A 30 -1.38 -1.17 -3.52
N ASP A 31 -0.99 0.08 -3.68
CA ASP A 31 0.35 0.52 -3.32
C ASP A 31 0.30 1.59 -2.24
N CYS A 32 1.48 1.99 -1.76
CA CYS A 32 1.57 3.00 -0.73
C CYS A 32 1.89 4.35 -1.36
N TYR A 33 2.63 5.17 -0.62
CA TYR A 33 2.99 6.48 -1.10
C TYR A 33 4.37 6.88 -0.59
N ASN A 34 4.90 6.07 0.30
CA ASN A 34 6.21 6.31 0.90
C ASN A 34 7.31 5.65 0.05
N ASP A 35 6.90 4.71 -0.79
CA ASP A 35 7.85 4.01 -1.66
C ASP A 35 8.48 2.85 -0.90
N GLY A 36 8.48 2.96 0.43
CA GLY A 36 9.05 1.91 1.26
C GLY A 36 8.01 1.23 2.12
N GLN A 37 6.78 1.75 2.08
CA GLN A 37 5.69 1.19 2.86
C GLN A 37 4.70 0.46 1.96
N LYS A 38 3.89 -0.40 2.56
CA LYS A 38 2.90 -1.16 1.82
C LYS A 38 1.50 -0.90 2.36
N CYS A 39 0.50 -1.56 1.78
CA CYS A 39 -0.88 -1.39 2.22
C CYS A 39 -1.21 -2.40 3.32
N CYS A 40 -2.18 -2.04 4.16
CA CYS A 40 -2.59 -2.91 5.26
C CYS A 40 -4.10 -2.87 5.43
N ARG A 41 -4.67 -3.97 5.92
CA ARG A 41 -6.11 -4.05 6.13
C ARG A 41 -6.55 -3.14 7.28
N LYS A 42 -6.32 -1.85 7.13
CA LYS A 42 -6.67 -0.87 8.15
C LYS A 42 -6.77 -1.54 9.52
N PHE A 1 4.48 14.35 -14.50
CA PHE A 1 4.35 13.79 -15.87
C PHE A 1 3.47 12.54 -15.88
N VAL A 2 3.75 11.64 -16.81
CA VAL A 2 2.99 10.40 -16.93
C VAL A 2 3.80 9.21 -16.44
N GLN A 3 3.38 8.65 -15.30
CA GLN A 3 4.08 7.50 -14.72
C GLN A 3 3.11 6.34 -14.52
N HIS A 4 3.66 5.17 -14.17
CA HIS A 4 2.86 3.98 -13.94
C HIS A 4 2.98 3.52 -12.49
N ARG A 5 1.92 3.73 -11.72
CA ARG A 5 1.90 3.34 -10.32
C ARG A 5 0.67 2.49 -10.00
N PRO A 6 0.86 1.34 -9.37
CA PRO A 6 -0.23 0.43 -9.00
C PRO A 6 -1.23 1.10 -8.05
N ARG A 7 -2.51 0.81 -8.26
CA ARG A 7 -3.57 1.37 -7.42
C ARG A 7 -3.05 1.68 -6.02
N ASP A 8 -3.41 2.85 -5.52
CA ASP A 8 -2.99 3.29 -4.20
C ASP A 8 -3.70 2.48 -3.11
N CYS A 9 -3.20 2.61 -1.88
CA CYS A 9 -3.79 1.89 -0.75
C CYS A 9 -4.96 2.68 -0.16
N GLU A 10 -4.72 3.96 0.11
CA GLU A 10 -5.76 4.82 0.67
C GLU A 10 -6.95 4.91 -0.28
N SER A 11 -6.68 4.82 -1.57
CA SER A 11 -7.73 4.89 -2.59
C SER A 11 -8.63 3.67 -2.52
N ILE A 12 -8.09 2.58 -1.97
CA ILE A 12 -8.83 1.33 -1.84
C ILE A 12 -9.39 1.17 -0.42
N ASN A 13 -9.11 2.15 0.42
CA ASN A 13 -9.56 2.13 1.80
C ASN A 13 -8.63 1.27 2.66
N GLY A 14 -7.33 1.52 2.55
CA GLY A 14 -6.36 0.77 3.32
C GLY A 14 -5.36 1.67 4.03
N VAL A 15 -4.39 1.06 4.70
CA VAL A 15 -3.38 1.82 5.43
C VAL A 15 -2.00 1.61 4.83
N CYS A 16 -1.07 2.49 5.18
CA CYS A 16 0.30 2.40 4.68
C CYS A 16 1.28 2.16 5.81
N ARG A 17 1.69 0.90 5.97
CA ARG A 17 2.64 0.53 7.02
C ARG A 17 4.00 0.21 6.42
N HIS A 18 4.80 -0.58 7.14
CA HIS A 18 6.12 -0.96 6.68
C HIS A 18 6.06 -2.25 5.88
N LYS A 19 6.77 -2.27 4.76
CA LYS A 19 6.79 -3.45 3.91
C LYS A 19 7.43 -4.63 4.65
N ASP A 20 7.84 -4.37 5.89
CA ASP A 20 8.46 -5.40 6.72
C ASP A 20 7.77 -5.47 8.07
N THR A 21 6.50 -5.08 8.11
CA THR A 21 5.73 -5.10 9.34
C THR A 21 5.87 -6.44 10.05
N VAL A 22 4.78 -7.19 10.10
CA VAL A 22 4.79 -8.49 10.75
C VAL A 22 3.45 -9.20 10.59
N ASN A 23 2.41 -8.61 11.17
CA ASN A 23 1.08 -9.18 11.11
C ASN A 23 0.07 -8.15 10.61
N CYS A 24 0.54 -7.23 9.79
CA CYS A 24 -0.31 -6.18 9.23
C CYS A 24 -0.67 -6.49 7.78
N ARG A 25 -1.45 -7.54 7.58
CA ARG A 25 -1.87 -7.95 6.24
C ARG A 25 -1.65 -6.81 5.24
N GLU A 26 -1.03 -7.13 4.12
CA GLU A 26 -0.77 -6.13 3.08
C GLU A 26 -1.75 -6.26 1.93
N ILE A 27 -2.01 -5.14 1.26
CA ILE A 27 -2.94 -5.12 0.14
C ILE A 27 -2.19 -4.98 -1.19
N PHE A 28 -1.69 -6.09 -1.71
CA PHE A 28 -0.96 -6.09 -2.96
C PHE A 28 -1.60 -5.14 -3.96
N LEU A 29 -2.76 -5.52 -4.46
CA LEU A 29 -3.51 -4.73 -5.44
C LEU A 29 -3.12 -3.25 -5.35
N ALA A 30 -3.14 -2.71 -4.14
CA ALA A 30 -2.82 -1.30 -3.93
C ALA A 30 -1.37 -1.12 -3.46
N ASP A 31 -0.86 0.09 -3.63
CA ASP A 31 0.50 0.42 -3.23
C ASP A 31 0.50 1.52 -2.18
N CYS A 32 1.70 1.94 -1.78
CA CYS A 32 1.82 3.00 -0.79
C CYS A 32 2.08 4.33 -1.46
N TYR A 33 2.78 5.21 -0.77
CA TYR A 33 3.09 6.51 -1.29
C TYR A 33 4.46 6.98 -0.81
N ASN A 34 5.03 6.19 0.09
CA ASN A 34 6.33 6.49 0.66
C ASN A 34 7.45 5.87 -0.19
N ASP A 35 8.15 4.91 0.39
CA ASP A 35 9.23 4.22 -0.30
C ASP A 35 9.42 2.82 0.24
N GLY A 36 9.14 2.66 1.53
CA GLY A 36 9.26 1.36 2.16
C GLY A 36 7.98 0.96 2.86
N GLN A 37 6.90 1.67 2.56
CA GLN A 37 5.60 1.38 3.16
C GLN A 37 4.67 0.73 2.14
N LYS A 38 3.85 -0.21 2.62
CA LYS A 38 2.91 -0.91 1.76
C LYS A 38 1.49 -0.77 2.31
N CYS A 39 0.54 -1.46 1.68
CA CYS A 39 -0.85 -1.42 2.11
C CYS A 39 -1.14 -2.48 3.16
N CYS A 40 -2.06 -2.17 4.06
CA CYS A 40 -2.43 -3.11 5.12
C CYS A 40 -3.93 -3.07 5.37
N ARG A 41 -4.47 -4.17 5.89
CA ARG A 41 -5.90 -4.25 6.17
C ARG A 41 -6.27 -3.40 7.38
N LYS A 42 -5.77 -2.17 7.40
CA LYS A 42 -6.03 -1.25 8.49
C LYS A 42 -5.73 -1.90 9.84
N PHE A 1 -7.16 5.22 -19.28
CA PHE A 1 -6.72 4.71 -17.95
C PHE A 1 -5.23 4.37 -17.96
N VAL A 2 -4.43 5.26 -18.53
CA VAL A 2 -2.99 5.06 -18.60
C VAL A 2 -2.26 5.86 -17.53
N GLN A 3 -1.38 5.19 -16.80
CA GLN A 3 -0.61 5.85 -15.74
C GLN A 3 0.79 5.24 -15.62
N HIS A 4 1.52 5.67 -14.61
CA HIS A 4 2.87 5.17 -14.38
C HIS A 4 2.88 4.10 -13.29
N ARG A 5 2.38 4.47 -12.11
CA ARG A 5 2.33 3.53 -10.99
C ARG A 5 0.97 2.85 -10.91
N PRO A 6 0.89 1.71 -10.21
CA PRO A 6 -0.36 0.95 -10.05
C PRO A 6 -1.39 1.73 -9.25
N ARG A 7 -2.05 1.03 -8.32
CA ARG A 7 -3.07 1.65 -7.48
C ARG A 7 -2.53 1.90 -6.08
N ASP A 8 -2.91 3.04 -5.51
CA ASP A 8 -2.47 3.42 -4.17
C ASP A 8 -3.06 2.49 -3.12
N CYS A 9 -2.96 2.90 -1.86
CA CYS A 9 -3.49 2.10 -0.76
C CYS A 9 -4.68 2.79 -0.11
N GLU A 10 -4.50 4.08 0.19
CA GLU A 10 -5.56 4.87 0.82
C GLU A 10 -6.70 5.15 -0.14
N SER A 11 -6.39 5.18 -1.44
CA SER A 11 -7.40 5.44 -2.46
C SER A 11 -8.29 4.22 -2.66
N ILE A 12 -8.02 3.17 -1.88
CA ILE A 12 -8.78 1.94 -1.97
C ILE A 12 -9.38 1.57 -0.62
N ASN A 13 -9.22 2.46 0.34
CA ASN A 13 -9.73 2.25 1.69
C ASN A 13 -8.80 1.33 2.49
N GLY A 14 -7.50 1.52 2.29
CA GLY A 14 -6.52 0.71 3.00
C GLY A 14 -5.54 1.55 3.79
N VAL A 15 -4.69 0.91 4.57
CA VAL A 15 -3.71 1.61 5.37
C VAL A 15 -2.31 1.47 4.79
N CYS A 16 -1.43 2.39 5.13
CA CYS A 16 -0.06 2.35 4.62
C CYS A 16 0.94 2.25 5.76
N ARG A 17 1.46 1.03 5.97
CA ARG A 17 2.44 0.80 7.03
C ARG A 17 3.80 0.44 6.44
N HIS A 18 4.58 -0.33 7.20
CA HIS A 18 5.90 -0.73 6.77
C HIS A 18 5.84 -2.04 5.97
N LYS A 19 6.68 -2.13 4.95
CA LYS A 19 6.72 -3.32 4.11
C LYS A 19 7.43 -4.46 4.84
N ASP A 20 7.86 -4.19 6.07
CA ASP A 20 8.55 -5.17 6.88
C ASP A 20 7.91 -5.27 8.27
N THR A 21 6.62 -4.99 8.34
CA THR A 21 5.90 -5.04 9.61
C THR A 21 6.07 -6.40 10.27
N VAL A 22 5.00 -7.18 10.30
CA VAL A 22 5.05 -8.50 10.90
C VAL A 22 3.76 -9.28 10.64
N ASN A 23 2.66 -8.77 11.18
CA ASN A 23 1.37 -9.42 11.03
C ASN A 23 0.33 -8.44 10.51
N CYS A 24 0.80 -7.45 9.74
CA CYS A 24 -0.09 -6.45 9.17
C CYS A 24 -0.43 -6.78 7.71
N ARG A 25 -1.28 -7.78 7.53
CA ARG A 25 -1.69 -8.20 6.20
C ARG A 25 -1.57 -7.05 5.20
N GLU A 26 -0.87 -7.31 4.10
CA GLU A 26 -0.68 -6.28 3.07
C GLU A 26 -1.65 -6.50 1.91
N ILE A 27 -1.96 -5.42 1.21
CA ILE A 27 -2.88 -5.47 0.08
C ILE A 27 -2.12 -5.51 -1.24
N PHE A 28 -1.92 -6.72 -1.77
CA PHE A 28 -1.21 -6.90 -3.03
C PHE A 28 -1.90 -6.17 -4.16
N LEU A 29 -2.74 -5.21 -3.81
CA LEU A 29 -3.48 -4.44 -4.81
C LEU A 29 -3.27 -2.95 -4.63
N ALA A 30 -3.23 -2.52 -3.38
CA ALA A 30 -3.03 -1.11 -3.06
C ALA A 30 -1.57 -0.83 -2.71
N ASP A 31 -1.03 0.25 -3.28
CA ASP A 31 0.35 0.64 -3.04
C ASP A 31 0.43 1.79 -2.05
N CYS A 32 1.65 2.13 -1.66
CA CYS A 32 1.86 3.21 -0.72
C CYS A 32 2.26 4.48 -1.45
N TYR A 33 2.89 5.39 -0.74
CA TYR A 33 3.32 6.64 -1.32
C TYR A 33 4.70 7.02 -0.79
N ASN A 34 5.16 6.24 0.17
CA ASN A 34 6.45 6.46 0.80
C ASN A 34 7.55 5.70 0.04
N ASP A 35 7.13 4.71 -0.74
CA ASP A 35 8.06 3.90 -1.51
C ASP A 35 8.56 2.72 -0.67
N GLY A 36 8.46 2.85 0.64
CA GLY A 36 8.89 1.79 1.53
C GLY A 36 7.75 1.25 2.37
N GLN A 37 6.57 1.83 2.21
CA GLN A 37 5.39 1.39 2.95
C GLN A 37 4.44 0.62 2.05
N LYS A 38 3.72 -0.33 2.63
CA LYS A 38 2.78 -1.14 1.88
C LYS A 38 1.36 -0.97 2.41
N CYS A 39 0.40 -1.63 1.78
CA CYS A 39 -0.99 -1.55 2.19
C CYS A 39 -1.30 -2.63 3.22
N CYS A 40 -2.22 -2.32 4.13
CA CYS A 40 -2.60 -3.27 5.17
C CYS A 40 -4.11 -3.22 5.40
N ARG A 41 -4.69 -4.38 5.69
CA ARG A 41 -6.13 -4.46 5.94
C ARG A 41 -6.51 -3.63 7.16
N LYS A 42 -6.44 -2.31 7.02
CA LYS A 42 -6.77 -1.40 8.11
C LYS A 42 -7.13 -2.16 9.38
N PHE A 1 5.77 9.37 -23.58
CA PHE A 1 5.73 9.03 -22.14
C PHE A 1 4.41 8.34 -21.78
N VAL A 2 4.50 7.09 -21.34
CA VAL A 2 3.32 6.33 -20.96
C VAL A 2 3.49 5.69 -19.59
N GLN A 3 4.12 6.42 -18.67
CA GLN A 3 4.35 5.93 -17.31
C GLN A 3 3.47 6.67 -16.32
N HIS A 4 2.32 6.07 -16.01
CA HIS A 4 1.38 6.66 -15.06
C HIS A 4 1.59 6.11 -13.65
N ARG A 5 0.49 5.92 -12.92
CA ARG A 5 0.55 5.40 -11.56
C ARG A 5 -0.69 4.57 -11.24
N PRO A 6 -0.50 3.26 -11.01
CA PRO A 6 -1.60 2.35 -10.69
C PRO A 6 -2.50 2.89 -9.58
N ARG A 7 -2.64 2.11 -8.51
CA ARG A 7 -3.47 2.51 -7.39
C ARG A 7 -2.70 2.42 -6.07
N ASP A 8 -3.09 3.24 -5.11
CA ASP A 8 -2.44 3.26 -3.80
C ASP A 8 -3.20 2.39 -2.80
N CYS A 9 -2.98 2.67 -1.53
CA CYS A 9 -3.64 1.93 -0.46
C CYS A 9 -4.81 2.73 0.11
N GLU A 10 -4.57 4.02 0.32
CA GLU A 10 -5.60 4.89 0.86
C GLU A 10 -6.77 5.05 -0.10
N SER A 11 -6.49 4.96 -1.39
CA SER A 11 -7.52 5.09 -2.41
C SER A 11 -8.38 3.83 -2.46
N ILE A 12 -7.94 2.81 -1.75
CA ILE A 12 -8.65 1.55 -1.70
C ILE A 12 -9.29 1.33 -0.34
N ASN A 13 -9.09 2.29 0.56
CA ASN A 13 -9.64 2.21 1.91
C ASN A 13 -8.77 1.33 2.79
N GLY A 14 -7.46 1.42 2.59
CA GLY A 14 -6.53 0.63 3.36
C GLY A 14 -5.52 1.49 4.12
N VAL A 15 -4.57 0.84 4.78
CA VAL A 15 -3.56 1.55 5.53
C VAL A 15 -2.18 1.40 4.89
N CYS A 16 -1.25 2.25 5.29
CA CYS A 16 0.10 2.20 4.74
C CYS A 16 1.15 2.10 5.83
N ARG A 17 1.72 0.91 5.98
CA ARG A 17 2.75 0.66 6.99
C ARG A 17 4.07 0.27 6.34
N HIS A 18 4.91 -0.44 7.08
CA HIS A 18 6.19 -0.88 6.58
C HIS A 18 6.09 -2.25 5.90
N LYS A 19 6.89 -2.45 4.88
CA LYS A 19 6.89 -3.71 4.14
C LYS A 19 7.54 -4.81 4.97
N ASP A 20 7.69 -4.57 6.27
CA ASP A 20 8.29 -5.53 7.17
C ASP A 20 7.57 -5.52 8.51
N THR A 21 6.37 -4.98 8.53
CA THR A 21 5.57 -4.91 9.75
C THR A 21 5.69 -6.20 10.54
N VAL A 22 4.64 -7.00 10.54
CA VAL A 22 4.63 -8.26 11.26
C VAL A 22 3.34 -9.03 11.02
N ASN A 23 2.24 -8.46 11.48
CA ASN A 23 0.94 -9.09 11.34
C ASN A 23 -0.08 -8.13 10.75
N CYS A 24 0.38 -7.28 9.83
CA CYS A 24 -0.49 -6.31 9.19
C CYS A 24 -0.72 -6.67 7.72
N ARG A 25 -1.53 -7.68 7.48
CA ARG A 25 -1.83 -8.13 6.12
C ARG A 25 -1.61 -7.01 5.12
N GLU A 26 -0.88 -7.32 4.05
CA GLU A 26 -0.60 -6.34 3.02
C GLU A 26 -1.51 -6.54 1.81
N ILE A 27 -1.81 -5.45 1.10
CA ILE A 27 -2.68 -5.51 -0.06
C ILE A 27 -1.86 -5.51 -1.36
N PHE A 28 -1.58 -6.71 -1.86
CA PHE A 28 -0.80 -6.87 -3.09
C PHE A 28 -1.51 -6.23 -4.27
N LEU A 29 -2.36 -5.26 -4.00
CA LEU A 29 -3.10 -4.58 -5.05
C LEU A 29 -2.99 -3.08 -4.93
N ALA A 30 -2.98 -2.60 -3.69
CA ALA A 30 -2.87 -1.17 -3.42
C ALA A 30 -1.44 -0.78 -3.06
N ASP A 31 -1.01 0.38 -3.55
CA ASP A 31 0.34 0.86 -3.28
C ASP A 31 0.33 1.94 -2.22
N CYS A 32 1.53 2.32 -1.77
CA CYS A 32 1.67 3.35 -0.77
C CYS A 32 2.02 4.68 -1.42
N TYR A 33 2.79 5.49 -0.72
CA TYR A 33 3.17 6.78 -1.23
C TYR A 33 4.59 7.13 -0.79
N ASN A 34 5.11 6.33 0.12
CA ASN A 34 6.45 6.53 0.64
C ASN A 34 7.48 5.78 -0.20
N ASP A 35 7.00 4.80 -0.95
CA ASP A 35 7.88 4.00 -1.80
C ASP A 35 8.47 2.84 -1.01
N GLY A 36 8.47 2.97 0.31
CA GLY A 36 9.00 1.92 1.16
C GLY A 36 7.94 1.29 2.04
N GLN A 37 6.73 1.83 1.98
CA GLN A 37 5.62 1.32 2.78
C GLN A 37 4.63 0.56 1.91
N LYS A 38 4.02 -0.47 2.48
CA LYS A 38 3.05 -1.29 1.76
C LYS A 38 1.64 -1.07 2.32
N CYS A 39 0.65 -1.68 1.67
CA CYS A 39 -0.73 -1.54 2.09
C CYS A 39 -1.11 -2.64 3.09
N CYS A 40 -2.06 -2.32 3.97
CA CYS A 40 -2.52 -3.27 4.98
C CYS A 40 -4.02 -3.18 5.15
N ARG A 41 -4.64 -4.29 5.50
CA ARG A 41 -6.09 -4.33 5.69
C ARG A 41 -6.49 -3.58 6.96
N LYS A 42 -6.14 -2.29 7.00
CA LYS A 42 -6.46 -1.46 8.15
C LYS A 42 -6.47 -2.28 9.44
N PHE A 1 1.99 11.98 -17.87
CA PHE A 1 0.66 11.33 -18.01
C PHE A 1 0.43 10.31 -16.90
N VAL A 2 -0.27 9.22 -17.22
CA VAL A 2 -0.56 8.18 -16.26
C VAL A 2 0.20 6.90 -16.58
N GLN A 3 -0.20 5.80 -15.94
CA GLN A 3 0.45 4.52 -16.16
C GLN A 3 1.75 4.42 -15.37
N HIS A 4 1.73 4.95 -14.16
CA HIS A 4 2.91 4.93 -13.30
C HIS A 4 2.77 3.90 -12.20
N ARG A 5 1.61 3.88 -11.55
CA ARG A 5 1.36 2.94 -10.46
C ARG A 5 0.02 2.22 -10.66
N PRO A 6 -0.09 0.99 -10.14
CA PRO A 6 -1.31 0.18 -10.26
C PRO A 6 -2.49 0.83 -9.54
N ARG A 7 -2.48 0.78 -8.21
CA ARG A 7 -3.55 1.36 -7.41
C ARG A 7 -3.05 1.74 -6.03
N ASP A 8 -3.42 2.93 -5.58
CA ASP A 8 -3.01 3.42 -4.27
C ASP A 8 -3.72 2.65 -3.16
N CYS A 9 -3.06 2.59 -2.00
CA CYS A 9 -3.63 1.89 -0.85
C CYS A 9 -4.80 2.67 -0.25
N GLU A 10 -4.57 3.97 -0.02
CA GLU A 10 -5.60 4.82 0.55
C GLU A 10 -6.83 4.89 -0.35
N SER A 11 -6.60 4.83 -1.66
CA SER A 11 -7.69 4.89 -2.63
C SER A 11 -8.60 3.68 -2.51
N ILE A 12 -8.07 2.59 -1.95
CA ILE A 12 -8.83 1.35 -1.78
C ILE A 12 -9.36 1.22 -0.37
N ASN A 13 -9.08 2.23 0.45
CA ASN A 13 -9.50 2.23 1.85
C ASN A 13 -8.55 1.40 2.70
N GLY A 14 -7.26 1.55 2.44
CA GLY A 14 -6.26 0.82 3.19
C GLY A 14 -5.25 1.74 3.85
N VAL A 15 -4.35 1.17 4.63
CA VAL A 15 -3.34 1.96 5.33
C VAL A 15 -1.95 1.72 4.73
N CYS A 16 -1.01 2.59 5.09
CA CYS A 16 0.35 2.47 4.59
C CYS A 16 1.33 2.22 5.73
N ARG A 17 1.74 0.97 5.90
CA ARG A 17 2.68 0.62 6.96
C ARG A 17 4.01 0.18 6.39
N HIS A 18 4.76 -0.60 7.17
CA HIS A 18 6.06 -1.09 6.73
C HIS A 18 5.92 -2.42 5.99
N LYS A 19 6.63 -2.53 4.87
CA LYS A 19 6.58 -3.74 4.07
C LYS A 19 7.26 -4.90 4.79
N ASP A 20 7.58 -4.68 6.07
CA ASP A 20 8.23 -5.69 6.89
C ASP A 20 7.63 -5.70 8.29
N THR A 21 6.38 -5.26 8.41
CA THR A 21 5.70 -5.23 9.69
C THR A 21 5.85 -6.56 10.41
N VAL A 22 4.77 -7.34 10.42
CA VAL A 22 4.79 -8.63 11.08
C VAL A 22 3.50 -9.41 10.84
N ASN A 23 2.40 -8.87 11.34
CA ASN A 23 1.10 -9.50 11.20
C ASN A 23 0.09 -8.53 10.60
N CYS A 24 0.60 -7.50 9.92
CA CYS A 24 -0.25 -6.50 9.29
C CYS A 24 -0.53 -6.85 7.84
N ARG A 25 -1.65 -7.51 7.59
CA ARG A 25 -2.03 -7.91 6.24
C ARG A 25 -1.75 -6.79 5.24
N GLU A 26 -1.04 -7.12 4.17
CA GLU A 26 -0.72 -6.14 3.14
C GLU A 26 -1.66 -6.25 1.95
N ILE A 27 -1.89 -5.14 1.27
CA ILE A 27 -2.78 -5.11 0.12
C ILE A 27 -2.00 -4.96 -1.18
N PHE A 28 -1.50 -6.08 -1.70
CA PHE A 28 -0.73 -6.06 -2.95
C PHE A 28 -1.38 -5.14 -3.96
N LEU A 29 -2.54 -5.55 -4.45
CA LEU A 29 -3.29 -4.76 -5.43
C LEU A 29 -3.02 -3.27 -5.27
N ALA A 30 -3.10 -2.80 -4.04
CA ALA A 30 -2.87 -1.39 -3.74
C ALA A 30 -1.44 -1.17 -3.22
N ASP A 31 -0.87 -0.02 -3.55
CA ASP A 31 0.48 0.33 -3.12
C ASP A 31 0.45 1.43 -2.07
N CYS A 32 1.64 1.88 -1.68
CA CYS A 32 1.74 2.94 -0.68
C CYS A 32 1.98 4.27 -1.37
N TYR A 33 2.81 5.10 -0.76
CA TYR A 33 3.11 6.40 -1.32
C TYR A 33 4.41 6.94 -0.72
N ASN A 34 4.94 6.19 0.24
CA ASN A 34 6.16 6.57 0.91
C ASN A 34 7.38 6.00 0.20
N ASP A 35 7.14 4.99 -0.62
CA ASP A 35 8.21 4.34 -1.37
C ASP A 35 8.82 3.20 -0.57
N GLY A 36 8.61 3.22 0.74
CA GLY A 36 9.13 2.18 1.60
C GLY A 36 8.05 1.49 2.41
N GLN A 37 6.80 1.89 2.18
CA GLN A 37 5.67 1.30 2.90
C GLN A 37 4.71 0.63 1.93
N LYS A 38 3.90 -0.29 2.47
CA LYS A 38 2.94 -1.01 1.65
C LYS A 38 1.52 -0.82 2.20
N CYS A 39 0.56 -1.56 1.63
CA CYS A 39 -0.82 -1.47 2.05
C CYS A 39 -1.12 -2.45 3.18
N CYS A 40 -2.04 -2.05 4.06
CA CYS A 40 -2.42 -2.88 5.20
C CYS A 40 -3.93 -2.86 5.38
N ARG A 41 -4.49 -3.94 5.91
CA ARG A 41 -5.92 -4.02 6.14
C ARG A 41 -6.34 -3.14 7.31
N LYS A 42 -5.81 -1.92 7.32
CA LYS A 42 -6.12 -0.96 8.38
C LYS A 42 -5.94 -1.60 9.75
N PHE A 1 4.07 11.10 -18.66
CA PHE A 1 3.25 10.84 -17.44
C PHE A 1 4.02 9.99 -16.42
N VAL A 2 4.08 10.48 -15.19
CA VAL A 2 4.78 9.77 -14.12
C VAL A 2 3.81 8.94 -13.28
N GLN A 3 4.29 8.47 -12.14
CA GLN A 3 3.47 7.66 -11.24
C GLN A 3 3.15 6.30 -11.87
N HIS A 4 4.15 5.42 -11.88
CA HIS A 4 3.99 4.08 -12.45
C HIS A 4 3.57 3.08 -11.38
N ARG A 5 2.38 3.30 -10.80
CA ARG A 5 1.88 2.41 -9.77
C ARG A 5 0.42 2.05 -10.03
N PRO A 6 0.01 0.83 -9.63
CA PRO A 6 -1.37 0.36 -9.82
C PRO A 6 -2.39 1.31 -9.21
N ARG A 7 -2.79 1.02 -7.97
CA ARG A 7 -3.76 1.86 -7.27
C ARG A 7 -3.29 2.18 -5.86
N ASP A 8 -3.42 3.45 -5.48
CA ASP A 8 -3.00 3.90 -4.18
C ASP A 8 -3.68 3.10 -3.07
N CYS A 9 -2.95 2.86 -1.98
CA CYS A 9 -3.48 2.09 -0.86
C CYS A 9 -4.61 2.84 -0.17
N GLU A 10 -4.35 4.10 0.17
CA GLU A 10 -5.35 4.92 0.84
C GLU A 10 -6.55 5.20 -0.06
N SER A 11 -6.31 5.25 -1.36
CA SER A 11 -7.37 5.50 -2.33
C SER A 11 -8.28 4.29 -2.47
N ILE A 12 -7.85 3.17 -1.90
CA ILE A 12 -8.62 1.94 -1.96
C ILE A 12 -9.21 1.60 -0.60
N ASN A 13 -9.02 2.49 0.37
CA ASN A 13 -9.52 2.30 1.71
C ASN A 13 -8.61 1.37 2.52
N GLY A 14 -7.30 1.52 2.30
CA GLY A 14 -6.34 0.70 3.02
C GLY A 14 -5.37 1.53 3.83
N VAL A 15 -4.57 0.87 4.67
CA VAL A 15 -3.60 1.58 5.49
C VAL A 15 -2.20 1.43 4.92
N CYS A 16 -1.32 2.35 5.29
CA CYS A 16 0.06 2.31 4.81
C CYS A 16 1.04 2.03 5.93
N ARG A 17 1.43 0.76 6.06
CA ARG A 17 2.37 0.36 7.09
C ARG A 17 3.74 0.09 6.48
N HIS A 18 4.66 -0.44 7.28
CA HIS A 18 6.00 -0.73 6.80
C HIS A 18 6.02 -2.03 6.00
N LYS A 19 6.60 -1.96 4.82
CA LYS A 19 6.68 -3.13 3.94
C LYS A 19 7.40 -4.27 4.65
N ASP A 20 7.68 -4.06 5.94
CA ASP A 20 8.35 -5.06 6.76
C ASP A 20 7.70 -5.16 8.12
N THR A 21 6.45 -4.71 8.21
CA THR A 21 5.72 -4.73 9.46
C THR A 21 5.91 -6.05 10.18
N VAL A 22 4.86 -6.87 10.22
CA VAL A 22 4.93 -8.16 10.89
C VAL A 22 3.64 -8.94 10.72
N ASN A 23 2.56 -8.41 11.28
CA ASN A 23 1.26 -9.07 11.22
C ASN A 23 0.19 -8.10 10.71
N CYS A 24 0.58 -7.24 9.77
CA CYS A 24 -0.35 -6.27 9.19
C CYS A 24 -0.66 -6.61 7.75
N ARG A 25 -1.38 -7.71 7.54
CA ARG A 25 -1.74 -8.15 6.20
C ARG A 25 -1.56 -7.02 5.18
N GLU A 26 -0.89 -7.32 4.08
CA GLU A 26 -0.65 -6.33 3.04
C GLU A 26 -1.59 -6.54 1.86
N ILE A 27 -1.83 -5.47 1.11
CA ILE A 27 -2.72 -5.52 -0.05
C ILE A 27 -1.92 -5.58 -1.34
N PHE A 28 -1.57 -6.79 -1.76
CA PHE A 28 -0.79 -7.00 -2.98
C PHE A 28 -1.46 -6.36 -4.19
N LEU A 29 -2.43 -5.50 -3.93
CA LEU A 29 -3.15 -4.82 -5.00
C LEU A 29 -2.97 -3.31 -4.94
N ALA A 30 -3.05 -2.77 -3.73
CA ALA A 30 -2.89 -1.32 -3.54
C ALA A 30 -1.48 -0.99 -3.07
N ASP A 31 -0.93 0.10 -3.62
CA ASP A 31 0.41 0.54 -3.26
C ASP A 31 0.36 1.63 -2.21
N CYS A 32 1.54 2.02 -1.69
CA CYS A 32 1.62 3.06 -0.69
C CYS A 32 2.00 4.39 -1.33
N TYR A 33 2.79 5.17 -0.61
CA TYR A 33 3.21 6.46 -1.10
C TYR A 33 4.60 6.82 -0.58
N ASN A 34 5.06 6.01 0.37
CA ASN A 34 6.36 6.22 0.98
C ASN A 34 7.46 5.49 0.20
N ASP A 35 7.04 4.54 -0.62
CA ASP A 35 7.99 3.76 -1.41
C ASP A 35 8.58 2.63 -0.58
N GLY A 36 8.53 2.79 0.74
CA GLY A 36 9.05 1.79 1.64
C GLY A 36 7.95 1.13 2.45
N GLN A 37 6.74 1.66 2.35
CA GLN A 37 5.59 1.12 3.07
C GLN A 37 4.59 0.49 2.12
N LYS A 38 3.93 -0.56 2.56
CA LYS A 38 2.95 -1.25 1.75
C LYS A 38 1.54 -1.05 2.30
N CYS A 39 0.55 -1.67 1.66
CA CYS A 39 -0.83 -1.56 2.08
C CYS A 39 -1.17 -2.65 3.10
N CYS A 40 -2.10 -2.34 4.00
CA CYS A 40 -2.52 -3.29 5.02
C CYS A 40 -4.03 -3.29 5.18
N ARG A 41 -4.58 -4.42 5.59
CA ARG A 41 -6.02 -4.54 5.79
C ARG A 41 -6.48 -3.72 6.98
N LYS A 42 -6.27 -2.41 6.92
CA LYS A 42 -6.65 -1.51 8.00
C LYS A 42 -6.84 -2.28 9.30
N PHE A 1 3.79 10.71 -18.70
CA PHE A 1 5.04 9.93 -18.50
C PHE A 1 5.47 9.94 -17.04
N VAL A 2 4.50 9.82 -16.14
CA VAL A 2 4.78 9.81 -14.70
C VAL A 2 3.79 8.94 -13.95
N GLN A 3 4.06 8.72 -12.67
CA GLN A 3 3.19 7.90 -11.84
C GLN A 3 2.98 6.52 -12.46
N HIS A 4 3.74 5.54 -11.97
CA HIS A 4 3.64 4.18 -12.47
C HIS A 4 3.28 3.21 -11.35
N ARG A 5 2.07 3.35 -10.82
CA ARG A 5 1.62 2.48 -9.75
C ARG A 5 0.15 2.13 -9.93
N PRO A 6 -0.20 0.83 -9.81
CA PRO A 6 -1.57 0.35 -9.96
C PRO A 6 -2.57 1.23 -9.22
N ARG A 7 -2.93 0.82 -8.01
CA ARG A 7 -3.88 1.57 -7.20
C ARG A 7 -3.32 1.83 -5.80
N ASP A 8 -3.55 3.04 -5.29
CA ASP A 8 -3.07 3.42 -3.98
C ASP A 8 -3.86 2.70 -2.88
N CYS A 9 -3.20 2.49 -1.75
CA CYS A 9 -3.84 1.82 -0.62
C CYS A 9 -4.98 2.65 -0.06
N GLU A 10 -4.71 3.92 0.18
CA GLU A 10 -5.72 4.83 0.72
C GLU A 10 -6.92 4.92 -0.21
N SER A 11 -6.68 4.81 -1.51
CA SER A 11 -7.74 4.88 -2.50
C SER A 11 -8.65 3.66 -2.41
N ILE A 12 -8.12 2.58 -1.84
CA ILE A 12 -8.88 1.36 -1.69
C ILE A 12 -9.44 1.22 -0.27
N ASN A 13 -9.11 2.20 0.56
CA ASN A 13 -9.56 2.22 1.94
C ASN A 13 -8.68 1.34 2.82
N GLY A 14 -7.37 1.44 2.63
CA GLY A 14 -6.44 0.65 3.41
C GLY A 14 -5.46 1.51 4.18
N VAL A 15 -4.37 0.91 4.66
CA VAL A 15 -3.37 1.64 5.41
C VAL A 15 -1.98 1.46 4.80
N CYS A 16 -1.06 2.36 5.14
CA CYS A 16 0.30 2.29 4.63
C CYS A 16 1.31 2.18 5.77
N ARG A 17 1.82 0.96 5.97
CA ARG A 17 2.81 0.72 7.01
C ARG A 17 4.16 0.39 6.41
N HIS A 18 4.97 -0.38 7.14
CA HIS A 18 6.28 -0.77 6.67
C HIS A 18 6.22 -2.08 5.89
N LYS A 19 6.94 -2.12 4.77
CA LYS A 19 6.96 -3.29 3.92
C LYS A 19 7.51 -4.49 4.69
N ASP A 20 7.81 -4.27 5.97
CA ASP A 20 8.33 -5.32 6.83
C ASP A 20 7.60 -5.33 8.17
N THR A 21 6.38 -4.81 8.17
CA THR A 21 5.57 -4.75 9.37
C THR A 21 5.73 -6.04 10.19
N VAL A 22 4.70 -6.87 10.17
CA VAL A 22 4.73 -8.13 10.90
C VAL A 22 3.47 -8.94 10.66
N ASN A 23 2.34 -8.40 11.12
CA ASN A 23 1.06 -9.08 10.98
C ASN A 23 0.00 -8.12 10.44
N CYS A 24 0.44 -7.15 9.65
CA CYS A 24 -0.46 -6.16 9.07
C CYS A 24 -0.79 -6.50 7.62
N ARG A 25 -1.53 -7.59 7.42
CA ARG A 25 -1.91 -8.02 6.08
C ARG A 25 -1.66 -6.90 5.06
N GLU A 26 -0.98 -7.26 3.97
CA GLU A 26 -0.68 -6.28 2.92
C GLU A 26 -1.65 -6.41 1.76
N ILE A 27 -1.99 -5.27 1.15
CA ILE A 27 -2.91 -5.25 0.02
C ILE A 27 -2.16 -5.08 -1.30
N PHE A 28 -1.74 -6.20 -1.87
CA PHE A 28 -1.01 -6.18 -3.14
C PHE A 28 -1.63 -5.18 -4.11
N LEU A 29 -2.78 -5.55 -4.65
CA LEU A 29 -3.51 -4.72 -5.59
C LEU A 29 -3.19 -3.23 -5.40
N ALA A 30 -3.18 -2.79 -4.15
CA ALA A 30 -2.91 -1.39 -3.84
C ALA A 30 -1.45 -1.19 -3.41
N ASP A 31 -0.95 0.03 -3.63
CA ASP A 31 0.42 0.37 -3.29
C ASP A 31 0.45 1.47 -2.23
N CYS A 32 1.67 1.88 -1.85
CA CYS A 32 1.83 2.92 -0.87
C CYS A 32 2.12 4.24 -1.56
N TYR A 33 2.94 5.07 -0.92
CA TYR A 33 3.29 6.35 -1.47
C TYR A 33 4.68 6.77 -0.99
N ASN A 34 5.21 6.00 -0.05
CA ASN A 34 6.52 6.25 0.51
C ASN A 34 7.61 5.54 -0.28
N ASP A 35 8.49 4.85 0.42
CA ASP A 35 9.57 4.11 -0.21
C ASP A 35 9.76 2.76 0.47
N GLY A 36 9.22 2.64 1.68
CA GLY A 36 9.32 1.41 2.42
C GLY A 36 8.00 1.04 3.07
N GLN A 37 6.93 1.68 2.65
CA GLN A 37 5.60 1.42 3.19
C GLN A 37 4.73 0.71 2.17
N LYS A 38 3.86 -0.18 2.66
CA LYS A 38 2.97 -0.92 1.78
C LYS A 38 1.52 -0.81 2.29
N CYS A 39 0.61 -1.53 1.62
CA CYS A 39 -0.79 -1.50 2.01
C CYS A 39 -1.10 -2.59 3.03
N CYS A 40 -2.05 -2.30 3.91
CA CYS A 40 -2.46 -3.24 4.94
C CYS A 40 -3.96 -3.20 5.15
N ARG A 41 -4.52 -4.29 5.65
CA ARG A 41 -5.96 -4.37 5.89
C ARG A 41 -6.35 -3.55 7.11
N LYS A 42 -5.88 -2.30 7.15
CA LYS A 42 -6.17 -1.41 8.25
C LYS A 42 -6.04 -2.12 9.58
N PHE A 1 -0.59 10.80 -20.40
CA PHE A 1 -1.47 9.60 -20.51
C PHE A 1 -0.71 8.33 -20.18
N VAL A 2 0.29 8.45 -19.32
CA VAL A 2 1.10 7.30 -18.91
C VAL A 2 0.61 6.72 -17.58
N GLN A 3 0.93 5.46 -17.34
CA GLN A 3 0.54 4.79 -16.11
C GLN A 3 1.76 4.40 -15.29
N HIS A 4 2.22 5.30 -14.44
CA HIS A 4 3.39 5.06 -13.60
C HIS A 4 2.97 4.61 -12.20
N ARG A 5 1.72 4.92 -11.84
CA ARG A 5 1.21 4.54 -10.53
C ARG A 5 -0.09 3.76 -10.65
N PRO A 6 0.00 2.42 -10.66
CA PRO A 6 -1.17 1.55 -10.76
C PRO A 6 -2.24 1.88 -9.73
N ARG A 7 -1.87 1.85 -8.46
CA ARG A 7 -2.80 2.14 -7.38
C ARG A 7 -2.09 2.21 -6.04
N ASP A 8 -2.64 2.98 -5.12
CA ASP A 8 -2.06 3.12 -3.80
C ASP A 8 -2.76 2.22 -2.79
N CYS A 9 -2.84 2.69 -1.56
CA CYS A 9 -3.49 1.92 -0.50
C CYS A 9 -4.72 2.67 0.01
N GLU A 10 -4.58 3.97 0.21
CA GLU A 10 -5.67 4.79 0.71
C GLU A 10 -6.78 4.93 -0.32
N SER A 11 -6.42 4.83 -1.60
CA SER A 11 -7.38 4.95 -2.68
C SER A 11 -8.25 3.70 -2.76
N ILE A 12 -7.96 2.75 -1.88
CA ILE A 12 -8.68 1.49 -1.85
C ILE A 12 -9.27 1.24 -0.46
N ASN A 13 -9.06 2.19 0.43
CA ASN A 13 -9.56 2.09 1.81
C ASN A 13 -8.64 1.21 2.66
N GLY A 14 -7.34 1.47 2.54
CA GLY A 14 -6.36 0.70 3.31
C GLY A 14 -5.39 1.61 4.06
N VAL A 15 -4.40 1.01 4.71
CA VAL A 15 -3.41 1.77 5.46
C VAL A 15 -2.02 1.61 4.86
N CYS A 16 -1.14 2.56 5.16
CA CYS A 16 0.22 2.53 4.64
C CYS A 16 1.22 2.25 5.76
N ARG A 17 1.54 0.97 5.95
CA ARG A 17 2.49 0.58 6.99
C ARG A 17 3.84 0.22 6.38
N HIS A 18 4.60 -0.63 7.08
CA HIS A 18 5.91 -1.04 6.61
C HIS A 18 5.81 -2.29 5.76
N LYS A 19 6.80 -2.48 4.88
CA LYS A 19 6.83 -3.65 4.02
C LYS A 19 7.45 -4.83 4.74
N ASP A 20 7.84 -4.59 5.99
CA ASP A 20 8.45 -5.63 6.83
C ASP A 20 7.77 -5.66 8.19
N THR A 21 6.50 -5.27 8.23
CA THR A 21 5.74 -5.25 9.46
C THR A 21 5.83 -6.59 10.18
N VAL A 22 4.70 -7.28 10.26
CA VAL A 22 4.65 -8.57 10.92
C VAL A 22 3.28 -9.23 10.78
N ASN A 23 2.27 -8.58 11.34
CA ASN A 23 0.91 -9.10 11.30
C ASN A 23 -0.05 -8.04 10.78
N CYS A 24 0.44 -7.21 9.85
CA CYS A 24 -0.38 -6.16 9.26
C CYS A 24 -0.75 -6.49 7.82
N ARG A 25 -1.58 -7.50 7.65
CA ARG A 25 -2.01 -7.93 6.31
C ARG A 25 -1.65 -6.88 5.27
N GLU A 26 -1.06 -7.32 4.17
CA GLU A 26 -0.67 -6.41 3.09
C GLU A 26 -1.69 -6.44 1.96
N ILE A 27 -1.80 -5.33 1.24
CA ILE A 27 -2.75 -5.22 0.14
C ILE A 27 -2.03 -5.07 -1.19
N PHE A 28 -1.64 -6.19 -1.79
CA PHE A 28 -0.96 -6.18 -3.07
C PHE A 28 -1.62 -5.19 -4.03
N LEU A 29 -2.83 -5.53 -4.45
CA LEU A 29 -3.61 -4.70 -5.36
C LEU A 29 -3.34 -3.21 -5.12
N ALA A 30 -3.31 -2.83 -3.85
CA ALA A 30 -3.07 -1.44 -3.47
C ALA A 30 -1.61 -1.21 -3.08
N ASP A 31 -1.12 -0.01 -3.32
CA ASP A 31 0.26 0.34 -3.00
C ASP A 31 0.31 1.45 -1.96
N CYS A 32 1.54 1.87 -1.63
CA CYS A 32 1.73 2.92 -0.65
C CYS A 32 1.97 4.25 -1.36
N TYR A 33 2.48 5.21 -0.63
CA TYR A 33 2.75 6.52 -1.17
C TYR A 33 4.09 7.02 -0.66
N ASN A 34 4.67 6.24 0.23
CA ASN A 34 5.95 6.56 0.82
C ASN A 34 7.10 5.97 0.00
N ASP A 35 6.78 4.95 -0.78
CA ASP A 35 7.78 4.29 -1.62
C ASP A 35 8.41 3.12 -0.89
N GLY A 36 8.46 3.21 0.44
CA GLY A 36 9.04 2.14 1.24
C GLY A 36 8.02 1.45 2.10
N GLN A 37 6.77 1.91 2.04
CA GLN A 37 5.69 1.32 2.82
C GLN A 37 4.72 0.56 1.93
N LYS A 38 3.95 -0.33 2.53
CA LYS A 38 2.98 -1.12 1.78
C LYS A 38 1.57 -0.92 2.34
N CYS A 39 0.59 -1.59 1.72
CA CYS A 39 -0.79 -1.50 2.16
C CYS A 39 -1.11 -2.54 3.22
N CYS A 40 -2.03 -2.21 4.12
CA CYS A 40 -2.41 -3.13 5.19
C CYS A 40 -3.91 -3.08 5.43
N ARG A 41 -4.47 -4.19 5.89
CA ARG A 41 -5.90 -4.26 6.17
C ARG A 41 -6.26 -3.46 7.41
N LYS A 42 -6.01 -2.15 7.36
CA LYS A 42 -6.31 -1.28 8.48
C LYS A 42 -6.40 -2.06 9.78
N PHE A 1 0.78 8.12 -22.59
CA PHE A 1 0.92 8.33 -21.13
C PHE A 1 2.22 7.73 -20.61
N VAL A 2 2.31 7.55 -19.30
CA VAL A 2 3.49 6.98 -18.68
C VAL A 2 3.13 6.21 -17.41
N GLN A 3 2.05 5.44 -17.49
CA GLN A 3 1.60 4.64 -16.35
C GLN A 3 2.78 4.02 -15.61
N HIS A 4 2.91 4.37 -14.34
CA HIS A 4 4.00 3.85 -13.52
C HIS A 4 3.46 3.11 -12.30
N ARG A 5 2.71 3.82 -11.46
CA ARG A 5 2.14 3.22 -10.25
C ARG A 5 0.68 2.84 -10.48
N PRO A 6 0.36 1.55 -10.38
CA PRO A 6 -1.00 1.04 -10.56
C PRO A 6 -2.01 1.79 -9.72
N ARG A 7 -2.38 1.21 -8.57
CA ARG A 7 -3.35 1.83 -7.68
C ARG A 7 -2.73 2.11 -6.32
N ASP A 8 -3.20 3.18 -5.68
CA ASP A 8 -2.69 3.57 -4.36
C ASP A 8 -3.16 2.60 -3.29
N CYS A 9 -2.97 2.99 -2.03
CA CYS A 9 -3.37 2.16 -0.90
C CYS A 9 -4.57 2.76 -0.18
N GLU A 10 -4.47 4.05 0.14
CA GLU A 10 -5.54 4.75 0.85
C GLU A 10 -6.77 4.93 -0.03
N SER A 11 -6.57 4.99 -1.35
CA SER A 11 -7.67 5.16 -2.28
C SER A 11 -8.46 3.86 -2.42
N ILE A 12 -8.05 2.86 -1.68
CA ILE A 12 -8.70 1.56 -1.72
C ILE A 12 -9.15 1.13 -0.32
N ASN A 13 -8.96 2.04 0.64
CA ASN A 13 -9.34 1.77 2.02
C ASN A 13 -8.28 0.92 2.72
N GLY A 14 -7.02 1.24 2.46
CA GLY A 14 -5.93 0.51 3.08
C GLY A 14 -5.01 1.41 3.89
N VAL A 15 -4.15 0.81 4.70
CA VAL A 15 -3.22 1.58 5.52
C VAL A 15 -1.81 1.54 4.93
N CYS A 16 -1.02 2.56 5.25
CA CYS A 16 0.34 2.65 4.74
C CYS A 16 1.36 2.34 5.84
N ARG A 17 1.61 1.06 6.06
CA ARG A 17 2.56 0.63 7.08
C ARG A 17 3.89 0.24 6.45
N HIS A 18 4.70 -0.52 7.18
CA HIS A 18 5.99 -0.96 6.69
C HIS A 18 5.88 -2.29 5.96
N LYS A 19 6.63 -2.42 4.87
CA LYS A 19 6.61 -3.64 4.06
C LYS A 19 7.29 -4.78 4.82
N ASP A 20 7.63 -4.53 6.08
CA ASP A 20 8.29 -5.53 6.91
C ASP A 20 7.64 -5.59 8.30
N THR A 21 6.39 -5.12 8.38
CA THR A 21 5.67 -5.13 9.64
C THR A 21 5.78 -6.49 10.32
N VAL A 22 4.67 -7.22 10.36
CA VAL A 22 4.65 -8.53 10.99
C VAL A 22 3.33 -9.24 10.74
N ASN A 23 2.25 -8.69 11.27
CA ASN A 23 0.93 -9.27 11.12
C ASN A 23 -0.07 -8.23 10.64
N CYS A 24 0.40 -7.34 9.77
CA CYS A 24 -0.45 -6.29 9.23
C CYS A 24 -0.85 -6.60 7.79
N ARG A 25 -1.69 -7.61 7.61
CA ARG A 25 -2.15 -8.00 6.29
C ARG A 25 -1.87 -6.91 5.27
N GLU A 26 -1.16 -7.25 4.20
CA GLU A 26 -0.84 -6.30 3.15
C GLU A 26 -1.76 -6.46 1.95
N ILE A 27 -1.93 -5.38 1.19
CA ILE A 27 -2.79 -5.39 0.02
C ILE A 27 -1.95 -5.43 -1.27
N PHE A 28 -1.61 -6.64 -1.69
CA PHE A 28 -0.81 -6.83 -2.90
C PHE A 28 -1.50 -6.24 -4.11
N LEU A 29 -2.44 -5.34 -3.87
CA LEU A 29 -3.19 -4.71 -4.95
C LEU A 29 -3.02 -3.20 -4.94
N ALA A 30 -3.04 -2.63 -3.74
CA ALA A 30 -2.89 -1.19 -3.57
C ALA A 30 -1.46 -0.81 -3.22
N ASP A 31 -1.05 0.38 -3.64
CA ASP A 31 0.30 0.87 -3.36
C ASP A 31 0.27 1.94 -2.29
N CYS A 32 1.45 2.31 -1.80
CA CYS A 32 1.56 3.33 -0.78
C CYS A 32 1.92 4.68 -1.40
N TYR A 33 2.64 5.49 -0.65
CA TYR A 33 3.04 6.80 -1.12
C TYR A 33 4.42 7.15 -0.62
N ASN A 34 4.93 6.32 0.29
CA ASN A 34 6.24 6.53 0.87
C ASN A 34 7.32 5.85 0.05
N ASP A 35 6.90 4.89 -0.78
CA ASP A 35 7.84 4.16 -1.62
C ASP A 35 8.46 3.00 -0.85
N GLY A 36 8.40 3.09 0.47
CA GLY A 36 8.95 2.05 1.32
C GLY A 36 7.89 1.40 2.19
N GLN A 37 6.66 1.91 2.11
CA GLN A 37 5.56 1.38 2.90
C GLN A 37 4.54 0.68 2.01
N LYS A 38 3.87 -0.32 2.56
CA LYS A 38 2.88 -1.07 1.81
C LYS A 38 1.48 -0.89 2.41
N CYS A 39 0.49 -1.52 1.78
CA CYS A 39 -0.89 -1.43 2.24
C CYS A 39 -1.20 -2.53 3.24
N CYS A 40 -2.05 -2.21 4.22
CA CYS A 40 -2.43 -3.18 5.24
C CYS A 40 -3.91 -3.02 5.60
N ARG A 41 -4.66 -4.09 5.44
CA ARG A 41 -6.09 -4.08 5.74
C ARG A 41 -6.38 -3.23 6.98
N LYS A 42 -6.42 -1.91 6.78
CA LYS A 42 -6.67 -0.98 7.87
C LYS A 42 -7.05 -1.72 9.15
N PHE A 1 13.48 0.27 -14.45
CA PHE A 1 12.11 0.57 -13.96
C PHE A 1 11.80 2.06 -14.10
N VAL A 2 10.55 2.43 -13.85
CA VAL A 2 10.12 3.82 -13.93
C VAL A 2 9.24 4.20 -12.75
N GLN A 3 9.67 3.80 -11.55
CA GLN A 3 8.92 4.09 -10.34
C GLN A 3 7.42 4.11 -10.62
N HIS A 4 6.95 3.09 -11.34
CA HIS A 4 5.54 2.97 -11.68
C HIS A 4 4.79 2.14 -10.64
N ARG A 5 3.95 2.79 -9.86
CA ARG A 5 3.18 2.11 -8.82
C ARG A 5 1.74 1.89 -9.27
N PRO A 6 1.20 0.70 -9.03
CA PRO A 6 -0.17 0.35 -9.41
C PRO A 6 -1.19 1.31 -8.81
N ARG A 7 -2.07 0.79 -7.95
CA ARG A 7 -3.08 1.60 -7.30
C ARG A 7 -2.68 1.91 -5.87
N ASP A 8 -3.00 3.13 -5.43
CA ASP A 8 -2.67 3.57 -4.08
C ASP A 8 -3.31 2.65 -3.04
N CYS A 9 -2.97 2.88 -1.77
CA CYS A 9 -3.51 2.08 -0.68
C CYS A 9 -4.65 2.82 0.01
N GLU A 10 -4.42 4.08 0.33
CA GLU A 10 -5.43 4.88 1.01
C GLU A 10 -6.61 5.17 0.09
N SER A 11 -6.35 5.21 -1.22
CA SER A 11 -7.39 5.46 -2.20
C SER A 11 -8.29 4.25 -2.36
N ILE A 12 -7.88 3.14 -1.76
CA ILE A 12 -8.63 1.91 -1.83
C ILE A 12 -9.26 1.56 -0.48
N ASN A 13 -9.08 2.45 0.48
CA ASN A 13 -9.63 2.27 1.82
C ASN A 13 -8.73 1.34 2.64
N GLY A 14 -7.42 1.47 2.43
CA GLY A 14 -6.46 0.66 3.16
C GLY A 14 -5.54 1.49 4.02
N VAL A 15 -4.48 0.89 4.54
CA VAL A 15 -3.53 1.59 5.39
C VAL A 15 -2.12 1.50 4.82
N CYS A 16 -1.27 2.42 5.22
CA CYS A 16 0.11 2.45 4.75
C CYS A 16 1.10 2.19 5.88
N ARG A 17 1.60 0.97 5.96
CA ARG A 17 2.56 0.59 7.00
C ARG A 17 3.91 0.26 6.38
N HIS A 18 4.71 -0.52 7.09
CA HIS A 18 6.02 -0.92 6.62
C HIS A 18 5.95 -2.22 5.84
N LYS A 19 6.86 -2.38 4.87
CA LYS A 19 6.90 -3.58 4.06
C LYS A 19 7.47 -4.75 4.85
N ASP A 20 7.89 -4.47 6.08
CA ASP A 20 8.46 -5.50 6.95
C ASP A 20 7.73 -5.52 8.29
N THR A 21 6.47 -5.09 8.29
CA THR A 21 5.68 -5.06 9.50
C THR A 21 5.77 -6.39 10.23
N VAL A 22 4.67 -7.14 10.25
CA VAL A 22 4.64 -8.42 10.92
C VAL A 22 3.32 -9.15 10.70
N ASN A 23 2.24 -8.56 11.20
CA ASN A 23 0.92 -9.15 11.07
C ASN A 23 -0.08 -8.16 10.48
N CYS A 24 0.43 -7.12 9.82
CA CYS A 24 -0.42 -6.12 9.21
C CYS A 24 -0.72 -6.46 7.76
N ARG A 25 -1.32 -7.63 7.55
CA ARG A 25 -1.66 -8.09 6.20
C ARG A 25 -1.50 -6.97 5.18
N GLU A 26 -0.82 -7.27 4.08
CA GLU A 26 -0.60 -6.30 3.02
C GLU A 26 -1.57 -6.52 1.87
N ILE A 27 -1.86 -5.46 1.12
CA ILE A 27 -2.79 -5.56 0.00
C ILE A 27 -2.03 -5.66 -1.33
N PHE A 28 -1.76 -6.88 -1.74
CA PHE A 28 -1.03 -7.14 -2.99
C PHE A 28 -1.72 -6.45 -4.17
N LEU A 29 -2.65 -5.56 -3.88
CA LEU A 29 -3.39 -4.86 -4.91
C LEU A 29 -3.10 -3.36 -4.88
N ALA A 30 -3.10 -2.80 -3.68
CA ALA A 30 -2.84 -1.37 -3.51
C ALA A 30 -1.40 -1.11 -3.09
N ASP A 31 -0.95 0.12 -3.27
CA ASP A 31 0.41 0.50 -2.92
C ASP A 31 0.42 1.66 -1.93
N CYS A 32 1.61 2.11 -1.57
CA CYS A 32 1.73 3.22 -0.64
C CYS A 32 2.01 4.51 -1.39
N TYR A 33 2.75 5.40 -0.75
CA TYR A 33 3.09 6.67 -1.35
C TYR A 33 4.48 7.12 -0.89
N ASN A 34 5.00 6.40 0.09
CA ASN A 34 6.30 6.70 0.65
C ASN A 34 7.41 5.96 -0.10
N ASP A 35 7.03 4.92 -0.82
CA ASP A 35 7.99 4.13 -1.58
C ASP A 35 8.58 3.03 -0.71
N GLY A 36 8.46 3.20 0.61
CA GLY A 36 8.98 2.21 1.54
C GLY A 36 7.88 1.57 2.37
N GLN A 37 6.66 2.06 2.20
CA GLN A 37 5.52 1.53 2.93
C GLN A 37 4.59 0.76 2.00
N LYS A 38 3.91 -0.25 2.55
CA LYS A 38 3.00 -1.06 1.76
C LYS A 38 1.57 -0.90 2.26
N CYS A 39 0.63 -1.61 1.62
CA CYS A 39 -0.77 -1.54 2.00
C CYS A 39 -1.09 -2.61 3.04
N CYS A 40 -2.04 -2.29 3.93
CA CYS A 40 -2.44 -3.22 4.97
C CYS A 40 -3.94 -3.17 5.19
N ARG A 41 -4.52 -4.32 5.55
CA ARG A 41 -5.96 -4.41 5.79
C ARG A 41 -6.35 -3.69 7.07
N LYS A 42 -5.99 -2.41 7.17
CA LYS A 42 -6.29 -1.61 8.34
C LYS A 42 -6.33 -2.48 9.60
N PHE A 1 -5.53 3.56 -21.31
CA PHE A 1 -4.69 4.74 -20.98
C PHE A 1 -3.29 4.31 -20.56
N VAL A 2 -2.33 5.22 -20.70
CA VAL A 2 -0.95 4.94 -20.34
C VAL A 2 -0.66 5.36 -18.91
N GLN A 3 -0.33 4.39 -18.06
CA GLN A 3 -0.04 4.68 -16.66
C GLN A 3 1.33 4.12 -16.26
N HIS A 4 1.62 4.17 -14.97
CA HIS A 4 2.89 3.67 -14.45
C HIS A 4 2.69 2.94 -13.12
N ARG A 5 1.91 3.56 -12.23
CA ARG A 5 1.63 2.96 -10.93
C ARG A 5 0.33 2.16 -10.96
N PRO A 6 0.25 1.10 -10.15
CA PRO A 6 -0.94 0.24 -10.09
C PRO A 6 -2.11 0.94 -9.42
N ARG A 7 -2.14 0.92 -8.10
CA ARG A 7 -3.22 1.55 -7.35
C ARG A 7 -2.75 1.92 -5.95
N ASP A 8 -3.31 3.01 -5.41
CA ASP A 8 -2.95 3.47 -4.09
C ASP A 8 -3.54 2.57 -3.01
N CYS A 9 -3.23 2.87 -1.75
CA CYS A 9 -3.74 2.08 -0.63
C CYS A 9 -4.90 2.79 0.05
N GLU A 10 -4.71 4.08 0.33
CA GLU A 10 -5.75 4.87 1.00
C GLU A 10 -7.02 4.93 0.16
N SER A 11 -6.86 4.93 -1.17
CA SER A 11 -8.00 4.99 -2.07
C SER A 11 -8.81 3.69 -2.02
N ILE A 12 -8.18 2.63 -1.55
CA ILE A 12 -8.84 1.33 -1.46
C ILE A 12 -9.32 1.06 -0.04
N ASN A 13 -9.09 2.01 0.85
CA ASN A 13 -9.48 1.89 2.24
C ASN A 13 -8.46 1.06 3.01
N GLY A 14 -7.19 1.32 2.75
CA GLY A 14 -6.12 0.61 3.43
C GLY A 14 -5.16 1.54 4.15
N VAL A 15 -4.22 0.96 4.89
CA VAL A 15 -3.25 1.75 5.62
C VAL A 15 -1.85 1.60 5.03
N CYS A 16 -1.02 2.62 5.21
CA CYS A 16 0.34 2.60 4.69
C CYS A 16 1.35 2.34 5.81
N ARG A 17 1.72 1.09 5.97
CA ARG A 17 2.68 0.71 7.01
C ARG A 17 4.00 0.27 6.40
N HIS A 18 4.80 -0.44 7.18
CA HIS A 18 6.09 -0.93 6.73
C HIS A 18 5.96 -2.27 6.04
N LYS A 19 6.64 -2.43 4.91
CA LYS A 19 6.60 -3.67 4.15
C LYS A 19 7.21 -4.81 4.95
N ASP A 20 7.61 -4.51 6.18
CA ASP A 20 8.20 -5.51 7.06
C ASP A 20 7.54 -5.50 8.43
N THR A 21 6.31 -4.99 8.48
CA THR A 21 5.57 -4.92 9.74
C THR A 21 5.66 -6.23 10.50
N VAL A 22 4.57 -7.00 10.48
CA VAL A 22 4.53 -8.27 11.18
C VAL A 22 3.24 -9.01 10.89
N ASN A 23 2.13 -8.44 11.34
CA ASN A 23 0.83 -9.05 11.15
C ASN A 23 -0.17 -8.04 10.60
N CYS A 24 0.31 -7.20 9.69
CA CYS A 24 -0.54 -6.18 9.08
C CYS A 24 -0.82 -6.49 7.62
N ARG A 25 -1.58 -7.56 7.38
CA ARG A 25 -1.92 -7.97 6.03
C ARG A 25 -1.65 -6.84 5.04
N GLU A 26 -0.98 -7.17 3.94
CA GLU A 26 -0.67 -6.17 2.91
C GLU A 26 -1.59 -6.31 1.71
N ILE A 27 -1.92 -5.18 1.09
CA ILE A 27 -2.80 -5.17 -0.07
C ILE A 27 -2.01 -5.03 -1.37
N PHE A 28 -1.48 -6.15 -1.86
CA PHE A 28 -0.71 -6.15 -3.09
C PHE A 28 -1.34 -5.23 -4.14
N LEU A 29 -2.47 -5.68 -4.68
CA LEU A 29 -3.21 -4.94 -5.69
C LEU A 29 -2.89 -3.44 -5.65
N ALA A 30 -2.89 -2.87 -4.45
CA ALA A 30 -2.62 -1.45 -4.29
C ALA A 30 -1.18 -1.20 -3.87
N ASP A 31 -0.83 0.07 -3.69
CA ASP A 31 0.52 0.46 -3.28
C ASP A 31 0.48 1.55 -2.23
N CYS A 32 1.66 1.97 -1.78
CA CYS A 32 1.76 3.02 -0.77
C CYS A 32 2.06 4.35 -1.42
N TYR A 33 2.83 5.17 -0.74
CA TYR A 33 3.19 6.48 -1.24
C TYR A 33 4.56 6.90 -0.73
N ASN A 34 5.08 6.11 0.20
CA ASN A 34 6.37 6.37 0.80
C ASN A 34 7.49 5.71 0.01
N ASP A 35 7.12 4.73 -0.80
CA ASP A 35 8.09 3.99 -1.60
C ASP A 35 8.69 2.84 -0.80
N GLY A 36 8.62 2.96 0.52
CA GLY A 36 9.14 1.93 1.39
C GLY A 36 8.05 1.28 2.22
N GLN A 37 6.83 1.82 2.12
CA GLN A 37 5.70 1.28 2.85
C GLN A 37 4.73 0.58 1.91
N LYS A 38 3.94 -0.33 2.46
CA LYS A 38 2.96 -1.06 1.67
C LYS A 38 1.56 -0.88 2.25
N CYS A 39 0.57 -1.51 1.62
CA CYS A 39 -0.80 -1.41 2.07
C CYS A 39 -1.13 -2.49 3.08
N CYS A 40 -2.07 -2.20 3.98
CA CYS A 40 -2.48 -3.15 5.00
C CYS A 40 -3.98 -3.11 5.19
N ARG A 41 -4.55 -4.22 5.65
CA ARG A 41 -5.99 -4.29 5.86
C ARG A 41 -6.40 -3.43 7.04
N LYS A 42 -5.74 -2.29 7.19
CA LYS A 42 -6.02 -1.36 8.28
C LYS A 42 -5.81 -2.03 9.63
N PHE A 1 3.84 13.14 -23.62
CA PHE A 1 2.92 12.53 -22.63
C PHE A 1 3.71 11.88 -21.49
N VAL A 2 3.22 12.07 -20.26
CA VAL A 2 3.87 11.50 -19.09
C VAL A 2 2.97 10.52 -18.37
N GLN A 3 3.56 9.48 -17.81
CA GLN A 3 2.80 8.45 -17.10
C GLN A 3 2.84 8.69 -15.59
N HIS A 4 1.80 8.26 -14.90
CA HIS A 4 1.71 8.43 -13.45
C HIS A 4 2.01 7.11 -12.74
N ARG A 5 1.02 6.60 -12.01
CA ARG A 5 1.18 5.36 -11.27
C ARG A 5 -0.15 4.59 -11.21
N PRO A 6 -0.11 3.34 -10.72
CA PRO A 6 -1.30 2.50 -10.60
C PRO A 6 -2.19 2.92 -9.45
N ARG A 7 -2.47 1.97 -8.55
CA ARG A 7 -3.31 2.24 -7.39
C ARG A 7 -2.49 2.32 -6.12
N ASP A 8 -3.01 3.04 -5.13
CA ASP A 8 -2.33 3.21 -3.86
C ASP A 8 -2.94 2.31 -2.80
N CYS A 9 -2.93 2.79 -1.56
CA CYS A 9 -3.49 2.04 -0.44
C CYS A 9 -4.72 2.74 0.11
N GLU A 10 -4.61 4.06 0.26
CA GLU A 10 -5.72 4.85 0.79
C GLU A 10 -6.86 4.94 -0.21
N SER A 11 -6.53 4.78 -1.50
CA SER A 11 -7.53 4.83 -2.55
C SER A 11 -8.39 3.58 -2.53
N ILE A 12 -8.05 2.66 -1.63
CA ILE A 12 -8.76 1.42 -1.50
C ILE A 12 -9.30 1.24 -0.08
N ASN A 13 -9.01 2.22 0.77
CA ASN A 13 -9.46 2.19 2.15
C ASN A 13 -8.54 1.31 3.00
N GLY A 14 -7.24 1.40 2.73
CA GLY A 14 -6.27 0.61 3.47
C GLY A 14 -5.32 1.48 4.29
N VAL A 15 -4.28 0.87 4.83
CA VAL A 15 -3.30 1.60 5.63
C VAL A 15 -1.91 1.47 5.03
N CYS A 16 -1.08 2.48 5.26
CA CYS A 16 0.28 2.49 4.74
C CYS A 16 1.30 2.24 5.84
N ARG A 17 1.69 0.98 6.00
CA ARG A 17 2.67 0.60 7.02
C ARG A 17 3.97 0.15 6.38
N HIS A 18 4.82 -0.50 7.18
CA HIS A 18 6.10 -1.00 6.70
C HIS A 18 5.94 -2.36 6.03
N LYS A 19 6.61 -2.52 4.90
CA LYS A 19 6.54 -3.78 4.16
C LYS A 19 7.10 -4.93 4.99
N ASP A 20 7.57 -4.59 6.19
CA ASP A 20 8.13 -5.59 7.09
C ASP A 20 7.49 -5.47 8.48
N THR A 21 6.28 -4.94 8.52
CA THR A 21 5.55 -4.78 9.78
C THR A 21 5.63 -6.04 10.61
N VAL A 22 4.59 -6.86 10.54
CA VAL A 22 4.56 -8.10 11.30
C VAL A 22 3.31 -8.91 11.01
N ASN A 23 2.16 -8.37 11.37
CA ASN A 23 0.89 -9.06 11.15
C ASN A 23 -0.13 -8.12 10.50
N CYS A 24 0.37 -7.11 9.79
CA CYS A 24 -0.50 -6.15 9.14
C CYS A 24 -0.72 -6.52 7.67
N ARG A 25 -1.50 -7.58 7.44
CA ARG A 25 -1.79 -8.04 6.09
C ARG A 25 -1.51 -6.93 5.07
N GLU A 26 -0.84 -7.29 3.98
CA GLU A 26 -0.52 -6.32 2.92
C GLU A 26 -1.49 -6.43 1.76
N ILE A 27 -1.70 -5.32 1.06
CA ILE A 27 -2.61 -5.30 -0.08
C ILE A 27 -1.85 -5.09 -1.39
N PHE A 28 -1.42 -6.18 -2.00
CA PHE A 28 -0.68 -6.12 -3.27
C PHE A 28 -1.37 -5.15 -4.22
N LEU A 29 -2.56 -5.54 -4.65
CA LEU A 29 -3.37 -4.75 -5.57
C LEU A 29 -3.19 -3.25 -5.33
N ALA A 30 -3.15 -2.86 -4.07
CA ALA A 30 -3.00 -1.46 -3.70
C ALA A 30 -1.53 -1.13 -3.36
N ASP A 31 -1.16 0.13 -3.52
CA ASP A 31 0.20 0.57 -3.25
C ASP A 31 0.22 1.68 -2.20
N CYS A 32 1.43 2.06 -1.78
CA CYS A 32 1.57 3.12 -0.79
C CYS A 32 1.91 4.44 -1.47
N TYR A 33 2.66 5.27 -0.77
CA TYR A 33 3.04 6.56 -1.31
C TYR A 33 4.44 6.95 -0.83
N ASN A 34 4.95 6.15 0.10
CA ASN A 34 6.27 6.39 0.68
C ASN A 34 7.36 5.69 -0.13
N ASP A 35 6.94 4.71 -0.92
CA ASP A 35 7.88 3.95 -1.75
C ASP A 35 8.46 2.79 -0.96
N GLY A 36 8.51 2.94 0.37
CA GLY A 36 9.04 1.90 1.22
C GLY A 36 7.97 1.27 2.09
N GLN A 37 6.75 1.81 2.01
CA GLN A 37 5.63 1.29 2.80
C GLN A 37 4.60 0.63 1.89
N LYS A 38 3.96 -0.41 2.40
CA LYS A 38 2.94 -1.13 1.63
C LYS A 38 1.57 -0.95 2.26
N CYS A 39 0.56 -1.56 1.64
CA CYS A 39 -0.80 -1.47 2.14
C CYS A 39 -1.10 -2.58 3.13
N CYS A 40 -2.04 -2.31 4.04
CA CYS A 40 -2.44 -3.28 5.05
C CYS A 40 -3.94 -3.24 5.27
N ARG A 41 -4.50 -4.38 5.67
CA ARG A 41 -5.94 -4.46 5.91
C ARG A 41 -6.31 -3.75 7.21
N LYS A 42 -5.86 -2.50 7.32
CA LYS A 42 -6.12 -1.70 8.51
C LYS A 42 -6.26 -2.58 9.74
N PHE A 1 -2.78 8.86 -15.49
CA PHE A 1 -2.14 7.67 -14.86
C PHE A 1 -2.57 6.38 -15.57
N VAL A 2 -1.67 5.82 -16.37
CA VAL A 2 -1.95 4.60 -17.11
C VAL A 2 -1.06 3.46 -16.64
N GLN A 3 -1.45 2.23 -16.95
CA GLN A 3 -0.68 1.05 -16.56
C GLN A 3 0.66 1.45 -15.96
N HIS A 4 0.67 1.67 -14.65
CA HIS A 4 1.89 2.06 -13.95
C HIS A 4 1.94 1.48 -12.54
N ARG A 5 1.59 2.31 -11.56
CA ARG A 5 1.58 1.89 -10.17
C ARG A 5 0.23 1.32 -9.75
N PRO A 6 0.23 0.20 -9.02
CA PRO A 6 -1.00 -0.45 -8.56
C PRO A 6 -1.88 0.50 -7.76
N ARG A 7 -3.18 0.45 -8.00
CA ARG A 7 -4.12 1.32 -7.30
C ARG A 7 -3.56 1.73 -5.95
N ASP A 8 -3.66 3.01 -5.64
CA ASP A 8 -3.17 3.55 -4.38
C ASP A 8 -3.74 2.75 -3.21
N CYS A 9 -3.03 2.78 -2.09
CA CYS A 9 -3.46 2.06 -0.89
C CYS A 9 -4.57 2.82 -0.16
N GLU A 10 -4.33 4.09 0.11
CA GLU A 10 -5.30 4.91 0.82
C GLU A 10 -6.54 5.18 -0.04
N SER A 11 -6.37 5.15 -1.36
CA SER A 11 -7.47 5.39 -2.28
C SER A 11 -8.41 4.20 -2.31
N ILE A 12 -7.99 3.12 -1.68
CA ILE A 12 -8.78 1.90 -1.63
C ILE A 12 -9.29 1.62 -0.22
N ASN A 13 -9.00 2.56 0.69
CA ASN A 13 -9.43 2.42 2.08
C ASN A 13 -8.47 1.53 2.86
N GLY A 14 -7.20 1.56 2.47
CA GLY A 14 -6.20 0.76 3.14
C GLY A 14 -5.22 1.59 3.94
N VAL A 15 -4.36 0.94 4.71
CA VAL A 15 -3.39 1.64 5.53
C VAL A 15 -1.98 1.49 4.96
N CYS A 16 -1.14 2.48 5.20
CA CYS A 16 0.23 2.45 4.70
C CYS A 16 1.24 2.22 5.83
N ARG A 17 1.64 0.97 5.99
CA ARG A 17 2.60 0.61 7.04
C ARG A 17 3.93 0.19 6.43
N HIS A 18 4.75 -0.50 7.22
CA HIS A 18 6.05 -0.95 6.75
C HIS A 18 5.94 -2.28 6.03
N LYS A 19 6.73 -2.44 4.98
CA LYS A 19 6.72 -3.66 4.19
C LYS A 19 7.32 -4.83 4.97
N ASP A 20 7.66 -4.57 6.23
CA ASP A 20 8.23 -5.61 7.09
C ASP A 20 7.56 -5.60 8.45
N THR A 21 6.35 -5.09 8.51
CA THR A 21 5.59 -5.03 9.76
C THR A 21 5.72 -6.33 10.52
N VAL A 22 4.67 -7.13 10.49
CA VAL A 22 4.67 -8.41 11.19
C VAL A 22 3.37 -9.17 10.94
N ASN A 23 2.27 -8.57 11.36
CA ASN A 23 0.96 -9.18 11.21
C ASN A 23 -0.05 -8.18 10.65
N CYS A 24 0.41 -7.33 9.74
CA CYS A 24 -0.44 -6.32 9.13
C CYS A 24 -0.71 -6.64 7.66
N ARG A 25 -1.49 -7.69 7.41
CA ARG A 25 -1.82 -8.09 6.05
C ARG A 25 -1.55 -6.95 5.07
N GLU A 26 -0.84 -7.28 3.98
CA GLU A 26 -0.51 -6.28 2.97
C GLU A 26 -1.44 -6.39 1.77
N ILE A 27 -1.74 -5.25 1.16
CA ILE A 27 -2.61 -5.21 -0.01
C ILE A 27 -1.80 -5.08 -1.29
N PHE A 28 -1.28 -6.22 -1.77
CA PHE A 28 -0.48 -6.24 -2.99
C PHE A 28 -1.10 -5.34 -4.06
N LEU A 29 -2.27 -5.74 -4.54
CA LEU A 29 -2.99 -5.01 -5.57
C LEU A 29 -2.79 -3.50 -5.43
N ALA A 30 -2.90 -3.01 -4.21
CA ALA A 30 -2.75 -1.58 -3.94
C ALA A 30 -1.35 -1.25 -3.43
N ASP A 31 -0.83 -0.10 -3.86
CA ASP A 31 0.50 0.34 -3.45
C ASP A 31 0.40 1.40 -2.35
N CYS A 32 1.56 1.86 -1.88
CA CYS A 32 1.60 2.88 -0.84
C CYS A 32 1.86 4.24 -1.46
N TYR A 33 2.59 5.07 -0.75
CA TYR A 33 2.90 6.40 -1.23
C TYR A 33 4.23 6.88 -0.66
N ASN A 34 4.76 6.10 0.27
CA ASN A 34 6.01 6.42 0.92
C ASN A 34 7.19 5.84 0.16
N ASP A 35 6.91 4.85 -0.69
CA ASP A 35 7.95 4.20 -1.47
C ASP A 35 8.54 3.03 -0.71
N GLY A 36 8.59 3.15 0.62
CA GLY A 36 9.13 2.09 1.44
C GLY A 36 8.06 1.43 2.29
N GLN A 37 6.81 1.86 2.10
CA GLN A 37 5.69 1.30 2.86
C GLN A 37 4.70 0.61 1.94
N LYS A 38 4.01 -0.40 2.46
CA LYS A 38 3.03 -1.14 1.69
C LYS A 38 1.64 -0.96 2.28
N CYS A 39 0.64 -1.60 1.66
CA CYS A 39 -0.73 -1.50 2.12
C CYS A 39 -1.06 -2.58 3.14
N CYS A 40 -2.02 -2.29 4.01
CA CYS A 40 -2.45 -3.25 5.03
C CYS A 40 -3.95 -3.19 5.21
N ARG A 41 -4.54 -4.32 5.59
CA ARG A 41 -5.99 -4.38 5.80
C ARG A 41 -6.40 -3.56 7.03
N LYS A 42 -6.20 -2.25 6.95
CA LYS A 42 -6.54 -1.35 8.04
C LYS A 42 -6.80 -2.14 9.33
N PHE A 1 1.78 13.44 -17.99
CA PHE A 1 1.39 13.76 -16.60
C PHE A 1 0.26 12.86 -16.12
N VAL A 2 0.40 11.57 -16.35
CA VAL A 2 -0.61 10.59 -15.94
C VAL A 2 -0.10 9.73 -14.79
N GLN A 3 -1.02 9.34 -13.91
CA GLN A 3 -0.68 8.50 -12.76
C GLN A 3 -0.30 7.09 -13.20
N HIS A 4 1.00 6.83 -13.32
CA HIS A 4 1.48 5.53 -13.74
C HIS A 4 1.81 4.65 -12.53
N ARG A 5 0.80 4.38 -11.71
CA ARG A 5 0.99 3.55 -10.52
C ARG A 5 -0.15 2.54 -10.39
N PRO A 6 0.18 1.33 -9.90
CA PRO A 6 -0.81 0.26 -9.72
C PRO A 6 -1.70 0.49 -8.52
N ARG A 7 -2.37 1.64 -8.49
CA ARG A 7 -3.25 1.99 -7.38
C ARG A 7 -2.50 2.01 -6.07
N ASP A 8 -3.02 2.77 -5.10
CA ASP A 8 -2.39 2.85 -3.79
C ASP A 8 -3.22 2.11 -2.76
N CYS A 9 -3.01 2.46 -1.50
CA CYS A 9 -3.75 1.84 -0.42
C CYS A 9 -4.86 2.75 0.10
N GLU A 10 -4.53 4.03 0.21
CA GLU A 10 -5.50 5.01 0.70
C GLU A 10 -6.67 5.14 -0.26
N SER A 11 -6.42 4.91 -1.55
CA SER A 11 -7.46 5.00 -2.56
C SER A 11 -8.46 3.87 -2.42
N ILE A 12 -8.07 2.85 -1.66
CA ILE A 12 -8.92 1.69 -1.44
C ILE A 12 -9.47 1.67 -0.02
N ASN A 13 -9.06 2.65 0.77
CA ASN A 13 -9.50 2.75 2.16
C ASN A 13 -8.69 1.83 3.05
N GLY A 14 -7.39 1.73 2.76
CA GLY A 14 -6.51 0.89 3.54
C GLY A 14 -5.48 1.69 4.32
N VAL A 15 -4.42 1.02 4.77
CA VAL A 15 -3.38 1.70 5.53
C VAL A 15 -2.01 1.48 4.90
N CYS A 16 -1.06 2.35 5.25
CA CYS A 16 0.29 2.26 4.72
C CYS A 16 1.31 2.10 5.83
N ARG A 17 1.82 0.88 6.00
CA ARG A 17 2.81 0.59 7.03
C ARG A 17 4.16 0.26 6.41
N HIS A 18 4.98 -0.49 7.14
CA HIS A 18 6.29 -0.88 6.66
C HIS A 18 6.23 -2.22 5.92
N LYS A 19 6.95 -2.29 4.79
CA LYS A 19 6.97 -3.51 3.99
C LYS A 19 7.48 -4.69 4.81
N ASP A 20 7.93 -4.40 6.02
CA ASP A 20 8.45 -5.44 6.91
C ASP A 20 7.70 -5.44 8.24
N THR A 21 6.46 -4.95 8.22
CA THR A 21 5.65 -4.89 9.42
C THR A 21 5.78 -6.18 10.22
N VAL A 22 4.73 -6.98 10.23
CA VAL A 22 4.73 -8.23 10.96
C VAL A 22 3.44 -9.02 10.75
N ASN A 23 2.34 -8.45 11.23
CA ASN A 23 1.04 -9.09 11.11
C ASN A 23 -0.01 -8.11 10.59
N CYS A 24 0.40 -7.26 9.66
CA CYS A 24 -0.49 -6.27 9.08
C CYS A 24 -0.80 -6.58 7.63
N ARG A 25 -1.56 -7.65 7.41
CA ARG A 25 -1.92 -8.06 6.05
C ARG A 25 -1.67 -6.94 5.06
N GLU A 26 -0.99 -7.25 3.96
CA GLU A 26 -0.69 -6.26 2.94
C GLU A 26 -1.64 -6.39 1.75
N ILE A 27 -1.94 -5.26 1.11
CA ILE A 27 -2.85 -5.25 -0.04
C ILE A 27 -2.07 -5.20 -1.35
N PHE A 28 -1.68 -6.36 -1.84
CA PHE A 28 -0.93 -6.45 -3.10
C PHE A 28 -1.52 -5.51 -4.15
N LEU A 29 -2.69 -5.88 -4.65
CA LEU A 29 -3.39 -5.11 -5.67
C LEU A 29 -3.11 -3.62 -5.53
N ALA A 30 -3.10 -3.13 -4.31
CA ALA A 30 -2.85 -1.72 -4.04
C ALA A 30 -1.41 -1.46 -3.63
N ASP A 31 -0.99 -0.19 -3.67
CA ASP A 31 0.36 0.19 -3.30
C ASP A 31 0.35 1.29 -2.26
N CYS A 32 1.55 1.72 -1.85
CA CYS A 32 1.66 2.78 -0.87
C CYS A 32 1.93 4.10 -1.56
N TYR A 33 2.23 5.11 -0.78
CA TYR A 33 2.50 6.43 -1.32
C TYR A 33 3.85 6.95 -0.85
N ASN A 34 4.47 6.18 0.04
CA ASN A 34 5.75 6.52 0.60
C ASN A 34 6.89 5.98 -0.26
N ASP A 35 7.75 5.16 0.33
CA ASP A 35 8.87 4.58 -0.39
C ASP A 35 9.12 3.15 0.08
N GLY A 36 9.10 2.95 1.39
CA GLY A 36 9.32 1.62 1.94
C GLY A 36 8.11 1.11 2.70
N GLN A 37 6.94 1.67 2.39
CA GLN A 37 5.70 1.25 3.04
C GLN A 37 4.79 0.53 2.06
N LYS A 38 3.91 -0.32 2.61
CA LYS A 38 2.98 -1.07 1.79
C LYS A 38 1.56 -0.91 2.30
N CYS A 39 0.60 -1.57 1.66
CA CYS A 39 -0.79 -1.50 2.05
C CYS A 39 -1.14 -2.57 3.07
N CYS A 40 -2.09 -2.27 3.95
CA CYS A 40 -2.53 -3.21 4.97
C CYS A 40 -4.03 -3.13 5.16
N ARG A 41 -4.62 -4.23 5.61
CA ARG A 41 -6.07 -4.29 5.82
C ARG A 41 -6.46 -3.47 7.05
N LYS A 42 -6.00 -2.23 7.10
CA LYS A 42 -6.29 -1.35 8.21
C LYS A 42 -6.23 -2.10 9.54
N PHE A 1 -5.49 9.36 -15.48
CA PHE A 1 -4.98 8.08 -16.02
C PHE A 1 -3.77 8.31 -16.92
N VAL A 2 -2.58 8.26 -16.33
CA VAL A 2 -1.34 8.46 -17.08
C VAL A 2 -0.31 7.39 -16.75
N GLN A 3 -0.78 6.16 -16.64
CA GLN A 3 0.10 5.03 -16.33
C GLN A 3 1.30 5.48 -15.51
N HIS A 4 1.07 6.46 -14.63
CA HIS A 4 2.13 6.99 -13.78
C HIS A 4 1.93 6.53 -12.34
N ARG A 5 0.69 6.64 -11.85
CA ARG A 5 0.37 6.23 -10.49
C ARG A 5 -0.89 5.39 -10.47
N PRO A 6 -0.74 4.07 -10.73
CA PRO A 6 -1.88 3.14 -10.74
C PRO A 6 -2.77 3.30 -9.52
N ARG A 7 -2.86 2.24 -8.73
CA ARG A 7 -3.67 2.26 -7.51
C ARG A 7 -2.80 2.25 -6.27
N ASP A 8 -3.14 3.12 -5.32
CA ASP A 8 -2.38 3.22 -4.08
C ASP A 8 -2.99 2.32 -3.01
N CYS A 9 -2.97 2.79 -1.77
CA CYS A 9 -3.52 2.04 -0.66
C CYS A 9 -4.71 2.76 -0.05
N GLU A 10 -4.56 4.07 0.12
CA GLU A 10 -5.62 4.89 0.69
C GLU A 10 -6.79 5.06 -0.27
N SER A 11 -6.51 4.96 -1.57
CA SER A 11 -7.55 5.10 -2.57
C SER A 11 -8.42 3.86 -2.63
N ILE A 12 -8.06 2.87 -1.82
CA ILE A 12 -8.79 1.63 -1.75
C ILE A 12 -9.32 1.37 -0.35
N ASN A 13 -9.05 2.31 0.55
CA ASN A 13 -9.49 2.18 1.93
C ASN A 13 -8.56 1.28 2.73
N GLY A 14 -7.26 1.48 2.55
CA GLY A 14 -6.28 0.67 3.25
C GLY A 14 -5.28 1.53 4.02
N VAL A 15 -4.41 0.87 4.79
CA VAL A 15 -3.41 1.58 5.57
C VAL A 15 -2.03 1.43 4.94
N CYS A 16 -1.12 2.33 5.32
CA CYS A 16 0.23 2.29 4.78
C CYS A 16 1.27 2.15 5.89
N ARG A 17 1.79 0.94 6.03
CA ARG A 17 2.79 0.65 7.06
C ARG A 17 4.12 0.26 6.43
N HIS A 18 4.91 -0.52 7.16
CA HIS A 18 6.20 -0.98 6.67
C HIS A 18 6.08 -2.30 5.92
N LYS A 19 6.81 -2.41 4.82
CA LYS A 19 6.77 -3.63 4.01
C LYS A 19 7.28 -4.81 4.81
N ASP A 20 7.63 -4.58 6.06
CA ASP A 20 8.13 -5.62 6.94
C ASP A 20 7.43 -5.56 8.30
N THR A 21 6.27 -4.91 8.32
CA THR A 21 5.51 -4.78 9.56
C THR A 21 5.67 -6.03 10.42
N VAL A 22 4.65 -6.88 10.41
CA VAL A 22 4.68 -8.10 11.19
C VAL A 22 3.42 -8.92 11.00
N ASN A 23 2.30 -8.37 11.44
CA ASN A 23 1.02 -9.04 11.34
C ASN A 23 -0.03 -8.12 10.71
N CYS A 24 0.44 -7.19 9.88
CA CYS A 24 -0.45 -6.25 9.21
C CYS A 24 -0.67 -6.65 7.75
N ARG A 25 -1.50 -7.67 7.54
CA ARG A 25 -1.80 -8.14 6.19
C ARG A 25 -1.56 -7.04 5.17
N GLU A 26 -0.89 -7.39 4.07
CA GLU A 26 -0.61 -6.44 3.00
C GLU A 26 -1.55 -6.63 1.82
N ILE A 27 -1.83 -5.54 1.12
CA ILE A 27 -2.73 -5.58 -0.03
C ILE A 27 -1.93 -5.60 -1.34
N PHE A 28 -1.73 -6.80 -1.88
CA PHE A 28 -0.99 -6.96 -3.13
C PHE A 28 -1.71 -6.29 -4.29
N LEU A 29 -2.46 -5.24 -3.98
CA LEU A 29 -3.21 -4.54 -5.00
C LEU A 29 -3.12 -3.03 -4.82
N ALA A 30 -3.04 -2.60 -3.56
CA ALA A 30 -2.96 -1.19 -3.25
C ALA A 30 -1.52 -0.76 -2.98
N ASP A 31 -1.14 0.39 -3.53
CA ASP A 31 0.21 0.92 -3.35
C ASP A 31 0.24 1.95 -2.23
N CYS A 32 1.45 2.31 -1.80
CA CYS A 32 1.62 3.29 -0.75
C CYS A 32 1.95 4.65 -1.34
N TYR A 33 2.71 5.44 -0.59
CA TYR A 33 3.09 6.76 -1.03
C TYR A 33 4.48 7.11 -0.52
N ASN A 34 4.98 6.26 0.37
CA ASN A 34 6.29 6.44 0.95
C ASN A 34 7.38 5.78 0.12
N ASP A 35 6.96 4.83 -0.72
CA ASP A 35 7.89 4.11 -1.57
C ASP A 35 8.48 2.92 -0.83
N GLY A 36 8.59 3.04 0.48
CA GLY A 36 9.13 1.97 1.29
C GLY A 36 8.07 1.29 2.14
N GLN A 37 6.84 1.79 2.06
CA GLN A 37 5.74 1.23 2.82
C GLN A 37 4.77 0.50 1.91
N LYS A 38 3.94 -0.37 2.50
CA LYS A 38 2.97 -1.12 1.73
C LYS A 38 1.56 -0.94 2.30
N CYS A 39 0.58 -1.58 1.67
CA CYS A 39 -0.80 -1.49 2.10
C CYS A 39 -1.13 -2.60 3.10
N CYS A 40 -2.08 -2.33 3.99
CA CYS A 40 -2.49 -3.29 5.00
C CYS A 40 -3.99 -3.27 5.20
N ARG A 41 -4.53 -4.36 5.71
CA ARG A 41 -5.97 -4.46 5.95
C ARG A 41 -6.37 -3.65 7.17
N LYS A 42 -5.96 -2.39 7.20
CA LYS A 42 -6.26 -1.51 8.30
C LYS A 42 -6.22 -2.26 9.63
#